data_9NES
#
_entry.id   9NES
#
_cell.length_a   1.00
_cell.length_b   1.00
_cell.length_c   1.00
_cell.angle_alpha   90.00
_cell.angle_beta   90.00
_cell.angle_gamma   90.00
#
_symmetry.space_group_name_H-M   'P 1'
#
loop_
_entity.id
_entity.type
_entity.pdbx_description
1 polymer 'Potassium voltage-gated channel protein Shaker'
2 non-polymer '(2S)-3-(hexadecanoyloxy)-2-[(9Z)-octadec-9-enoyloxy]propyl 2-(trimethylammonio)ethyl phosphate'
3 non-polymer 'POTASSIUM ION'
4 water water
#
_entity_poly.entity_id   1
_entity_poly.type   'polypeptide(L)'
_entity_poly.pdbx_seq_one_letter_code
;(ACE)AAVAGLYGLGEDRQHRKKQQQQQQHQKEQLEQKEEQKKIAERKLQLREQQLQRNSLDGYGSLPKLSSQDEEGGAG
HGFGGGPQHFEPIPHDHDFCERVVINVSGLRFETQLRTLNQFPDTLLGDPARRLRYFDPLRNEYFFDRSRPSFDAILYYY
QSGGRLRRPVNVPLDVFSEEIKFYELGDQAINKFREDEGFIKEEERPLPDNEKQRKVWLLFEYPESSQAARVVAIISVFV
ILLSIVIFCLETLPEFKHYKVFNTTTNGTKIEEDEVPDITDPFFLIETLCIIWFTFELTVRFLACPNKLNFCRDVMNVID
IIAIIPYFITLATVVAEEEDTLNLPKAPVSPQDKSSNQAMSLAILRVIRLVRVFRIFKLSRHSKGLQILGRTLKASMREL
GLLIFFLFIGVVLFSSAVYFAEAGSENSFFKSIPDAFWWAVVTMTTVGYGDMTPVGVWGKIVGSLCAIAGVLTIALPVPV
IVSNFNYFYHRETDQEEMQSQNFNHVTSCPYLPGTLVGQHMKKSSLSESSSDMMDLDDGVESTPGLTETHPGRSAVAPFL
GAQQQQQQPVASSLSMSIDKQLQHPLQQLTQTQLYQQQQQQQQQQQNGFKQQQQQTQQQLQQQQSHTINASAAAATSGSG
SSGLTMRHNNALAVSIETDVGSGGGSENLYFQ
;
_entity_poly.pdbx_strand_id   A,B,C,D
#
loop_
_chem_comp.id
_chem_comp.type
_chem_comp.name
_chem_comp.formula
ACE non-polymer 'ACETYL GROUP' 'C2 H4 O'
K non-polymer 'POTASSIUM ION' 'K 1'
POV non-polymer '(2S)-3-(hexadecanoyloxy)-2-[(9Z)-octadec-9-enoyloxy]propyl 2-(trimethylammonio)ethyl phosphate' 'C42 H82 N O8 P'
#
# COMPACT_ATOMS: atom_id res chain seq x y z
N ALA A 226 25.21 -13.83 34.85
CA ALA A 226 24.93 -14.32 33.51
C ALA A 226 23.86 -13.49 32.84
N ARG A 227 22.74 -13.31 33.54
CA ARG A 227 21.71 -12.40 33.01
C ARG A 227 22.19 -10.96 33.01
N VAL A 228 23.01 -10.59 34.01
CA VAL A 228 23.60 -9.26 34.00
C VAL A 228 24.54 -9.12 32.81
N VAL A 229 25.28 -10.17 32.46
CA VAL A 229 26.19 -10.08 31.32
C VAL A 229 25.40 -9.98 30.02
N ALA A 230 24.26 -10.69 29.95
CA ALA A 230 23.41 -10.57 28.77
C ALA A 230 22.83 -9.17 28.63
N ILE A 231 22.41 -8.57 29.74
CA ILE A 231 21.83 -7.23 29.65
C ILE A 231 22.92 -6.20 29.36
N ILE A 232 24.14 -6.41 29.84
CA ILE A 232 25.26 -5.55 29.47
C ILE A 232 25.54 -5.65 27.99
N SER A 233 25.52 -6.88 27.44
CA SER A 233 25.78 -7.05 26.02
C SER A 233 24.71 -6.37 25.17
N VAL A 234 23.44 -6.49 25.56
CA VAL A 234 22.40 -5.83 24.81
C VAL A 234 22.54 -4.31 24.88
N PHE A 235 22.90 -3.78 26.07
CA PHE A 235 23.09 -2.35 26.21
C PHE A 235 24.25 -1.87 25.35
N VAL A 236 25.32 -2.66 25.26
CA VAL A 236 26.48 -2.26 24.47
C VAL A 236 26.16 -2.31 22.98
N ILE A 237 25.40 -3.31 22.53
CA ILE A 237 25.01 -3.36 21.13
C ILE A 237 24.13 -2.16 20.78
N LEU A 238 23.16 -1.84 21.64
CA LEU A 238 22.30 -0.70 21.38
C LEU A 238 23.10 0.60 21.39
N LEU A 239 24.07 0.71 22.29
CA LEU A 239 24.92 1.91 22.34
C LEU A 239 25.73 2.06 21.07
N SER A 240 26.25 0.96 20.54
CA SER A 240 27.02 1.03 19.30
C SER A 240 26.13 1.42 18.12
N ILE A 241 24.89 0.92 18.08
CA ILE A 241 23.96 1.33 17.03
C ILE A 241 23.68 2.82 17.12
N VAL A 242 23.42 3.32 18.33
CA VAL A 242 23.16 4.74 18.52
C VAL A 242 24.37 5.56 18.11
N ILE A 243 25.57 5.08 18.41
CA ILE A 243 26.78 5.85 18.10
C ILE A 243 27.00 5.90 16.60
N PHE A 244 26.78 4.79 15.90
CA PHE A 244 26.75 4.78 14.44
C PHE A 244 25.84 5.88 13.90
N CYS A 245 24.56 5.81 14.27
CA CYS A 245 23.58 6.72 13.72
C CYS A 245 23.88 8.18 14.08
N LEU A 246 24.42 8.42 15.28
CA LEU A 246 24.69 9.79 15.70
C LEU A 246 25.95 10.34 15.04
N GLU A 247 26.97 9.52 14.84
CA GLU A 247 28.14 10.05 14.18
C GLU A 247 27.88 10.34 12.72
N THR A 248 26.79 9.82 12.15
CA THR A 248 26.44 10.37 10.84
C THR A 248 25.74 11.73 10.90
N LEU A 249 25.35 12.21 12.08
CA LEU A 249 24.62 13.47 12.16
C LEU A 249 25.52 14.65 11.82
N PRO A 250 24.97 15.71 11.22
CA PRO A 250 25.81 16.85 10.82
C PRO A 250 26.33 17.68 11.98
N GLU A 251 25.74 17.58 13.17
CA GLU A 251 26.27 18.31 14.31
C GLU A 251 27.62 17.78 14.74
N PHE A 252 27.92 16.52 14.41
CA PHE A 252 29.15 15.88 14.83
C PHE A 252 30.03 15.53 13.63
N ASP A 277 36.50 12.17 19.11
CA ASP A 277 37.02 11.26 20.13
C ASP A 277 35.91 10.67 21.03
N PRO A 278 35.01 11.50 21.60
CA PRO A 278 33.95 10.93 22.44
C PRO A 278 33.11 9.89 21.72
N PHE A 279 33.00 10.00 20.39
CA PHE A 279 32.41 8.91 19.62
C PHE A 279 33.41 7.81 19.31
N PHE A 280 34.68 8.14 19.07
CA PHE A 280 35.65 7.09 18.80
C PHE A 280 36.04 6.35 20.06
N LEU A 281 36.01 7.00 21.23
CA LEU A 281 36.29 6.27 22.46
C LEU A 281 35.15 5.35 22.83
N ILE A 282 33.91 5.82 22.70
CA ILE A 282 32.77 4.93 22.91
C ILE A 282 32.80 3.79 21.91
N GLU A 283 33.18 4.08 20.67
CA GLU A 283 33.26 3.04 19.66
C GLU A 283 34.33 2.00 20.00
N THR A 284 35.50 2.46 20.45
CA THR A 284 36.55 1.50 20.78
C THR A 284 36.21 0.73 22.05
N LEU A 285 35.44 1.31 22.97
CA LEU A 285 35.00 0.56 24.13
C LEU A 285 34.00 -0.53 23.74
N CYS A 286 33.04 -0.18 22.89
CA CYS A 286 32.09 -1.17 22.40
C CYS A 286 32.82 -2.28 21.64
N ILE A 287 33.86 -1.93 20.87
CA ILE A 287 34.60 -2.95 20.13
C ILE A 287 35.47 -3.78 21.06
N ILE A 288 36.00 -3.18 22.12
CA ILE A 288 36.77 -3.96 23.09
C ILE A 288 35.87 -4.99 23.75
N TRP A 289 34.65 -4.59 24.12
CA TRP A 289 33.70 -5.55 24.65
C TRP A 289 33.32 -6.61 23.62
N PHE A 290 33.09 -6.19 22.38
CA PHE A 290 32.72 -7.13 21.33
C PHE A 290 33.80 -8.18 21.13
N THR A 291 35.07 -7.75 21.05
CA THR A 291 36.14 -8.69 20.82
C THR A 291 36.46 -9.51 22.07
N PHE A 292 36.20 -8.98 23.27
CA PHE A 292 36.36 -9.80 24.47
C PHE A 292 35.32 -10.91 24.50
N GLU A 293 34.07 -10.57 24.23
CA GLU A 293 33.03 -11.60 24.15
C GLU A 293 33.36 -12.62 23.06
N LEU A 294 33.85 -12.14 21.92
CA LEU A 294 34.21 -13.05 20.83
C LEU A 294 35.34 -13.99 21.22
N THR A 295 36.38 -13.48 21.86
CA THR A 295 37.54 -14.29 22.23
C THR A 295 37.32 -15.08 23.50
N VAL A 296 36.21 -14.86 24.20
CA VAL A 296 35.76 -15.80 25.22
C VAL A 296 34.95 -16.94 24.60
N ARG A 297 34.07 -16.61 23.65
CA ARG A 297 33.30 -17.66 22.99
C ARG A 297 34.21 -18.59 22.21
N PHE A 298 35.19 -18.05 21.51
CA PHE A 298 36.14 -18.87 20.76
C PHE A 298 37.46 -18.96 21.51
N ASP A 310 28.85 -21.41 13.02
CA ASP A 310 27.50 -20.95 12.74
C ASP A 310 27.48 -19.49 12.31
N VAL A 311 26.28 -19.01 12.00
CA VAL A 311 26.16 -17.67 11.42
C VAL A 311 26.32 -16.59 12.47
N MET A 312 25.98 -16.87 13.72
CA MET A 312 26.11 -15.86 14.76
C MET A 312 27.57 -15.55 15.08
N ASN A 313 28.44 -16.56 15.01
CA ASN A 313 29.87 -16.28 15.18
C ASN A 313 30.42 -15.49 13.99
N VAL A 314 29.91 -15.74 12.79
CA VAL A 314 30.30 -14.94 11.64
C VAL A 314 29.86 -13.50 11.83
N ILE A 315 28.67 -13.28 12.41
CA ILE A 315 28.21 -11.93 12.69
C ILE A 315 29.11 -11.26 13.73
N ASP A 316 29.47 -12.00 14.78
CA ASP A 316 30.40 -11.48 15.77
C ASP A 316 31.74 -11.12 15.16
N ILE A 317 32.17 -11.86 14.14
CA ILE A 317 33.42 -11.53 13.46
C ILE A 317 33.26 -10.25 12.66
N ILE A 318 32.22 -10.18 11.82
CA ILE A 318 31.98 -9.01 10.99
C ILE A 318 31.74 -7.75 11.82
N ALA A 319 31.35 -7.91 13.08
CA ALA A 319 31.10 -6.76 13.93
C ALA A 319 32.36 -6.01 14.35
N ILE A 320 33.55 -6.58 14.15
CA ILE A 320 34.79 -5.90 14.51
C ILE A 320 35.76 -5.77 13.36
N ILE A 321 35.55 -6.49 12.26
CA ILE A 321 36.42 -6.34 11.10
C ILE A 321 36.53 -4.90 10.62
N PRO A 322 35.44 -4.12 10.53
CA PRO A 322 35.61 -2.73 10.09
C PRO A 322 36.48 -1.90 11.02
N TYR A 323 36.23 -1.97 12.33
CA TYR A 323 37.06 -1.22 13.26
C TYR A 323 38.52 -1.59 13.11
N PHE A 324 38.81 -2.87 12.86
CA PHE A 324 40.22 -3.24 12.76
C PHE A 324 40.81 -2.94 11.40
N ILE A 325 39.99 -2.79 10.37
CA ILE A 325 40.49 -2.31 9.08
C ILE A 325 40.83 -0.84 9.14
N THR A 326 39.97 -0.03 9.77
CA THR A 326 40.24 1.40 9.84
C THR A 326 41.38 1.76 10.80
N LEU A 327 42.20 0.80 11.19
CA LEU A 327 43.38 1.08 12.01
C LEU A 327 44.61 0.41 11.41
N SER A 357 40.62 4.36 -2.86
CA SER A 357 39.35 4.86 -3.33
C SER A 357 38.35 4.98 -2.19
N LEU A 358 37.47 5.98 -2.26
CA LEU A 358 36.47 6.19 -1.22
C LEU A 358 35.33 5.19 -1.30
N ALA A 359 35.24 4.42 -2.39
CA ALA A 359 34.18 3.41 -2.50
C ALA A 359 34.36 2.32 -1.47
N ILE A 360 35.58 1.78 -1.35
CA ILE A 360 35.86 0.77 -0.34
C ILE A 360 35.61 1.31 1.05
N LEU A 361 35.95 2.59 1.27
CA LEU A 361 35.76 3.19 2.59
C LEU A 361 34.29 3.29 2.94
N ARG A 362 33.45 3.75 1.99
CA ARG A 362 32.02 3.76 2.26
C ARG A 362 31.47 2.35 2.43
N VAL A 363 32.02 1.36 1.73
CA VAL A 363 31.51 0.01 1.85
C VAL A 363 31.78 -0.55 3.25
N ILE A 364 32.99 -0.31 3.78
CA ILE A 364 33.26 -0.82 5.12
C ILE A 364 32.53 0.00 6.18
N ARG A 365 32.46 1.32 6.00
CA ARG A 365 31.67 2.12 6.93
C ARG A 365 30.20 1.75 6.89
N LEU A 366 29.73 1.16 5.79
CA LEU A 366 28.39 0.62 5.75
C LEU A 366 28.31 -0.71 6.48
N VAL A 367 29.23 -1.64 6.20
CA VAL A 367 29.17 -2.93 6.89
C VAL A 367 29.41 -2.80 8.38
N ARG A 368 29.76 -1.61 8.87
CA ARG A 368 29.68 -1.37 10.30
C ARG A 368 28.26 -1.46 10.85
N VAL A 369 27.25 -1.54 9.98
CA VAL A 369 25.87 -1.61 10.44
C VAL A 369 25.48 -3.02 10.86
N PHE A 370 26.31 -4.02 10.54
CA PHE A 370 25.99 -5.40 10.90
C PHE A 370 26.06 -5.66 12.39
N ARG A 371 26.41 -4.65 13.19
CA ARG A 371 26.29 -4.75 14.63
C ARG A 371 24.86 -4.93 15.08
N ILE A 372 23.89 -4.50 14.27
CA ILE A 372 22.49 -4.63 14.64
C ILE A 372 22.05 -6.08 14.62
N PHE A 373 22.74 -6.94 13.89
CA PHE A 373 22.42 -8.37 13.86
C PHE A 373 23.03 -9.11 15.04
N LYS A 374 23.88 -8.45 15.83
CA LYS A 374 24.34 -9.04 17.08
C LYS A 374 23.22 -9.17 18.10
N LEU A 375 22.09 -8.49 17.88
CA LEU A 375 20.91 -8.69 18.70
C LEU A 375 20.24 -10.04 18.46
N SER A 376 20.64 -10.75 17.40
CA SER A 376 20.05 -12.06 17.13
C SER A 376 20.35 -13.05 18.25
N ARG A 377 21.53 -12.97 18.85
CA ARG A 377 21.87 -13.91 19.90
C ARG A 377 20.97 -13.75 21.13
N HIS A 378 20.42 -12.55 21.34
CA HIS A 378 19.57 -12.28 22.49
C HIS A 378 18.09 -12.28 22.15
N SER A 379 17.72 -11.86 20.95
CA SER A 379 16.33 -11.85 20.55
C SER A 379 15.96 -13.20 19.94
N LYS A 380 14.88 -13.79 20.43
CA LYS A 380 14.39 -15.05 19.90
C LYS A 380 13.56 -14.87 18.64
N GLY A 381 12.86 -13.74 18.53
CA GLY A 381 12.11 -13.46 17.31
C GLY A 381 13.01 -13.25 16.11
N LEU A 382 14.20 -12.72 16.33
CA LEU A 382 15.13 -12.51 15.23
C LEU A 382 15.74 -13.84 14.77
N GLN A 383 15.96 -14.77 15.69
CA GLN A 383 16.38 -16.12 15.29
C GLN A 383 15.26 -16.84 14.56
N ILE A 384 14.02 -16.65 14.99
CA ILE A 384 12.88 -17.22 14.25
C ILE A 384 12.82 -16.64 12.84
N LEU A 385 13.07 -15.34 12.71
CA LEU A 385 13.08 -14.73 11.39
C LEU A 385 14.21 -15.28 10.53
N GLY A 386 15.38 -15.53 11.13
CA GLY A 386 16.46 -16.16 10.39
C GLY A 386 16.12 -17.55 9.92
N ARG A 387 15.52 -18.36 10.79
CA ARG A 387 15.09 -19.70 10.41
C ARG A 387 14.05 -19.65 9.31
N THR A 388 13.12 -18.69 9.39
CA THR A 388 12.12 -18.52 8.35
C THR A 388 12.76 -18.17 7.01
N LEU A 389 13.68 -17.21 7.01
CA LEU A 389 14.34 -16.82 5.78
C LEU A 389 15.13 -17.98 5.19
N LYS A 390 15.77 -18.77 6.04
CA LYS A 390 16.51 -19.93 5.54
C LYS A 390 15.58 -21.00 4.99
N ALA A 391 14.37 -21.13 5.54
CA ALA A 391 13.44 -22.18 5.13
C ALA A 391 12.58 -21.80 3.94
N SER A 392 12.51 -20.52 3.58
CA SER A 392 11.71 -20.06 2.45
C SER A 392 12.59 -19.39 1.41
N MET A 393 13.75 -19.97 1.15
CA MET A 393 14.66 -19.43 0.14
C MET A 393 14.06 -19.55 -1.25
N ARG A 394 13.44 -20.69 -1.56
CA ARG A 394 12.81 -20.86 -2.87
C ARG A 394 11.70 -19.83 -3.08
N GLU A 395 10.94 -19.53 -2.04
CA GLU A 395 9.84 -18.58 -2.17
C GLU A 395 10.35 -17.14 -2.26
N LEU A 396 11.43 -16.82 -1.56
CA LEU A 396 12.04 -15.50 -1.72
C LEU A 396 12.59 -15.33 -3.13
N GLY A 397 13.24 -16.38 -3.65
CA GLY A 397 13.72 -16.32 -5.02
C GLY A 397 12.59 -16.20 -6.02
N LEU A 398 11.47 -16.88 -5.77
CA LEU A 398 10.32 -16.78 -6.66
C LEU A 398 9.71 -15.39 -6.63
N LEU A 399 9.64 -14.78 -5.44
CA LEU A 399 9.16 -13.41 -5.33
C LEU A 399 10.06 -12.47 -6.12
N ILE A 400 11.38 -12.59 -5.94
CA ILE A 400 12.30 -11.71 -6.67
C ILE A 400 12.22 -11.96 -8.17
N PHE A 401 12.02 -13.20 -8.58
CA PHE A 401 11.91 -13.52 -10.00
C PHE A 401 10.65 -12.93 -10.62
N PHE A 402 9.51 -13.09 -9.94
CA PHE A 402 8.27 -12.50 -10.44
C PHE A 402 8.37 -10.99 -10.51
N LEU A 403 9.01 -10.37 -9.52
CA LEU A 403 9.19 -8.93 -9.56
C LEU A 403 10.11 -8.51 -10.70
N PHE A 404 11.18 -9.27 -10.94
CA PHE A 404 12.06 -8.96 -12.06
C PHE A 404 11.31 -9.02 -13.38
N ILE A 405 10.50 -10.06 -13.56
CA ILE A 405 9.76 -10.22 -14.81
C ILE A 405 8.73 -9.11 -14.97
N GLY A 406 7.97 -8.82 -13.92
CA GLY A 406 7.00 -7.74 -14.00
C GLY A 406 7.64 -6.39 -14.22
N VAL A 407 8.81 -6.17 -13.62
CA VAL A 407 9.49 -4.88 -13.75
C VAL A 407 9.96 -4.69 -15.18
N VAL A 408 10.60 -5.71 -15.76
CA VAL A 408 11.06 -5.59 -17.14
C VAL A 408 9.86 -5.41 -18.07
N LEU A 409 8.79 -6.18 -17.85
CA LEU A 409 7.62 -6.11 -18.71
C LEU A 409 6.98 -4.73 -18.68
N PHE A 410 6.70 -4.23 -17.49
CA PHE A 410 5.98 -2.96 -17.38
C PHE A 410 6.87 -1.77 -17.66
N SER A 411 8.17 -1.87 -17.42
CA SER A 411 9.09 -0.81 -17.82
C SER A 411 9.17 -0.71 -19.34
N SER A 412 9.26 -1.84 -20.02
CA SER A 412 9.23 -1.81 -21.48
C SER A 412 7.92 -1.23 -21.98
N ALA A 413 6.80 -1.68 -21.40
CA ALA A 413 5.50 -1.23 -21.86
C ALA A 413 5.34 0.28 -21.68
N VAL A 414 5.71 0.80 -20.51
CA VAL A 414 5.51 2.22 -20.26
C VAL A 414 6.50 3.05 -21.05
N TYR A 415 7.72 2.54 -21.28
CA TYR A 415 8.67 3.28 -22.10
C TYR A 415 8.18 3.38 -23.53
N PHE A 416 7.66 2.30 -24.11
CA PHE A 416 7.19 2.37 -25.48
C PHE A 416 5.85 3.08 -25.60
N ALA A 417 5.06 3.13 -24.53
CA ALA A 417 3.84 3.93 -24.53
C ALA A 417 4.15 5.41 -24.49
N GLU A 418 5.17 5.81 -23.73
CA GLU A 418 5.51 7.21 -23.59
C GLU A 418 6.45 7.72 -24.66
N ALA A 419 7.21 6.85 -25.32
CA ALA A 419 8.24 7.28 -26.25
C ALA A 419 7.68 7.93 -27.50
N GLY A 420 6.40 7.72 -27.81
CA GLY A 420 5.84 8.31 -29.01
C GLY A 420 5.65 9.81 -28.95
N SER A 421 5.80 10.40 -27.76
CA SER A 421 5.55 11.81 -27.58
C SER A 421 6.86 12.58 -27.42
N GLU A 422 6.74 13.89 -27.26
CA GLU A 422 7.88 14.76 -26.97
C GLU A 422 7.99 14.98 -25.48
N ASN A 423 9.22 15.21 -25.02
CA ASN A 423 9.52 15.34 -23.59
C ASN A 423 9.03 14.12 -22.83
N SER A 424 9.49 12.95 -23.28
CA SER A 424 9.07 11.69 -22.69
C SER A 424 9.48 11.63 -21.22
N PHE A 425 8.61 11.04 -20.41
CA PHE A 425 8.88 10.95 -18.98
C PHE A 425 10.07 10.06 -18.70
N PHE A 426 10.13 8.90 -19.35
CA PHE A 426 11.20 7.94 -19.17
C PHE A 426 12.16 8.00 -20.34
N LYS A 427 13.45 8.00 -20.03
CA LYS A 427 14.48 8.15 -21.05
C LYS A 427 14.92 6.81 -21.63
N SER A 428 14.76 5.74 -20.87
CA SER A 428 15.10 4.39 -21.31
C SER A 428 14.21 3.42 -20.56
N ILE A 429 14.35 2.14 -20.88
CA ILE A 429 13.64 1.10 -20.16
C ILE A 429 14.25 0.95 -18.76
N PRO A 430 15.58 1.02 -18.59
CA PRO A 430 16.11 1.10 -17.22
C PRO A 430 15.64 2.32 -16.45
N ASP A 431 15.31 3.41 -17.12
CA ASP A 431 14.84 4.60 -16.42
C ASP A 431 13.46 4.40 -15.82
N ALA A 432 12.72 3.38 -16.26
CA ALA A 432 11.40 3.07 -15.72
C ALA A 432 11.43 1.92 -14.73
N PHE A 433 12.61 1.38 -14.42
CA PHE A 433 12.70 0.27 -13.49
C PHE A 433 12.23 0.68 -12.10
N TRP A 434 12.65 1.85 -11.65
CA TRP A 434 12.24 2.35 -10.34
C TRP A 434 10.73 2.56 -10.28
N TRP A 435 10.19 3.20 -11.31
CA TRP A 435 8.75 3.41 -11.39
C TRP A 435 7.99 2.09 -11.31
N ALA A 436 8.44 1.09 -12.05
CA ALA A 436 7.76 -0.20 -12.04
C ALA A 436 7.85 -0.86 -10.67
N VAL A 437 9.00 -0.75 -10.01
CA VAL A 437 9.14 -1.34 -8.68
C VAL A 437 8.17 -0.70 -7.69
N VAL A 438 8.16 0.64 -7.66
CA VAL A 438 7.31 1.32 -6.68
C VAL A 438 5.84 1.29 -7.04
N THR A 439 5.50 0.97 -8.29
CA THR A 439 4.08 0.79 -8.61
C THR A 439 3.63 -0.62 -8.31
N MET A 440 4.47 -1.62 -8.55
CA MET A 440 4.08 -2.99 -8.23
C MET A 440 4.05 -3.23 -6.72
N THR A 441 4.94 -2.59 -5.98
CA THR A 441 4.90 -2.72 -4.53
C THR A 441 3.87 -1.79 -3.88
N THR A 442 3.20 -0.95 -4.67
CA THR A 442 2.23 0.04 -4.21
C THR A 442 2.85 1.07 -3.28
N VAL A 443 4.18 1.18 -3.26
CA VAL A 443 4.81 2.28 -2.54
C VAL A 443 4.46 3.60 -3.19
N GLY A 444 4.34 3.61 -4.51
CA GLY A 444 3.94 4.82 -5.19
C GLY A 444 5.13 5.60 -5.70
N TYR A 445 4.96 6.21 -6.87
CA TYR A 445 6.03 6.92 -7.54
C TYR A 445 6.06 8.40 -7.19
N GLY A 446 4.91 9.02 -7.05
CA GLY A 446 4.86 10.46 -6.89
C GLY A 446 4.05 11.10 -8.00
N ASP A 447 4.62 12.10 -8.66
CA ASP A 447 3.91 12.86 -9.68
C ASP A 447 4.02 12.14 -11.02
N MET A 448 2.89 11.64 -11.52
CA MET A 448 2.79 11.02 -12.83
C MET A 448 1.98 11.88 -13.80
N THR A 449 2.06 13.20 -13.65
CA THR A 449 1.29 14.12 -14.48
C THR A 449 1.82 14.21 -15.91
N PRO A 450 3.15 14.17 -16.15
CA PRO A 450 3.63 14.22 -17.55
C PRO A 450 3.41 12.94 -18.32
N VAL A 451 2.59 12.03 -17.82
CA VAL A 451 2.35 10.74 -18.46
C VAL A 451 1.02 10.80 -19.20
N GLY A 452 0.95 10.08 -20.32
CA GLY A 452 -0.21 10.10 -21.19
C GLY A 452 -1.17 8.96 -20.90
N VAL A 453 -2.14 8.82 -21.82
CA VAL A 453 -3.23 7.87 -21.60
C VAL A 453 -2.72 6.44 -21.62
N TRP A 454 -1.86 6.10 -22.57
CA TRP A 454 -1.33 4.74 -22.65
C TRP A 454 -0.39 4.46 -21.48
N GLY A 455 0.39 5.47 -21.08
CA GLY A 455 1.21 5.31 -19.89
C GLY A 455 0.39 5.03 -18.65
N LYS A 456 -0.78 5.67 -18.53
CA LYS A 456 -1.63 5.44 -17.38
C LYS A 456 -2.38 4.11 -17.46
N ILE A 457 -2.70 3.65 -18.66
CA ILE A 457 -3.26 2.31 -18.80
C ILE A 457 -2.23 1.26 -18.38
N VAL A 458 -0.99 1.42 -18.84
CA VAL A 458 0.08 0.53 -18.43
C VAL A 458 0.29 0.61 -16.93
N GLY A 459 0.18 1.81 -16.35
CA GLY A 459 0.36 1.94 -14.92
C GLY A 459 -0.74 1.28 -14.11
N SER A 460 -1.97 1.34 -14.61
CA SER A 460 -3.08 0.63 -13.95
C SER A 460 -2.82 -0.87 -13.96
N LEU A 461 -2.46 -1.41 -15.13
CA LEU A 461 -2.13 -2.82 -15.21
C LEU A 461 -0.97 -3.17 -14.29
N CYS A 462 0.02 -2.27 -14.20
CA CYS A 462 1.17 -2.51 -13.34
C CYS A 462 0.77 -2.57 -11.87
N ALA A 463 -0.10 -1.67 -11.45
CA ALA A 463 -0.59 -1.70 -10.07
C ALA A 463 -1.29 -3.02 -9.76
N ILE A 464 -2.19 -3.44 -10.64
CA ILE A 464 -2.93 -4.69 -10.40
C ILE A 464 -2.00 -5.88 -10.37
N ALA A 465 -1.15 -6.01 -11.39
CA ALA A 465 -0.24 -7.14 -11.47
C ALA A 465 0.73 -7.16 -10.31
N GLY A 466 1.16 -5.99 -9.85
CA GLY A 466 2.03 -5.96 -8.69
C GLY A 466 1.36 -6.45 -7.44
N VAL A 467 0.13 -6.01 -7.19
CA VAL A 467 -0.65 -6.53 -6.07
C VAL A 467 -0.62 -8.05 -6.11
N LEU A 468 -0.99 -8.62 -7.26
CA LEU A 468 -1.06 -10.08 -7.35
C LEU A 468 0.29 -10.74 -7.10
N THR A 469 1.35 -10.25 -7.75
CA THR A 469 2.63 -10.96 -7.70
C THR A 469 3.30 -10.83 -6.34
N ILE A 470 3.08 -9.72 -5.63
CA ILE A 470 3.61 -9.66 -4.27
C ILE A 470 2.69 -10.40 -3.32
N ALA A 471 1.47 -10.74 -3.78
CA ALA A 471 0.59 -11.49 -2.92
C ALA A 471 0.75 -13.00 -3.07
N LEU A 472 1.44 -13.49 -4.12
CA LEU A 472 1.47 -14.93 -4.30
C LEU A 472 2.53 -15.63 -3.46
N PRO A 473 3.82 -15.27 -3.52
CA PRO A 473 4.80 -15.98 -2.67
C PRO A 473 4.66 -15.70 -1.18
N VAL A 474 4.13 -14.54 -0.79
CA VAL A 474 4.26 -14.10 0.61
C VAL A 474 3.52 -14.99 1.61
N PRO A 475 2.33 -15.51 1.32
CA PRO A 475 1.68 -16.41 2.28
C PRO A 475 2.51 -17.60 2.70
N VAL A 476 3.37 -18.12 1.83
CA VAL A 476 4.17 -19.28 2.21
C VAL A 476 5.24 -18.89 3.21
N ILE A 477 5.88 -17.74 2.99
CA ILE A 477 6.84 -17.23 3.96
C ILE A 477 6.16 -16.93 5.29
N VAL A 478 4.95 -16.39 5.24
CA VAL A 478 4.22 -16.08 6.47
C VAL A 478 3.87 -17.35 7.21
N SER A 479 3.47 -18.40 6.48
CA SER A 479 3.17 -19.67 7.12
C SER A 479 4.40 -20.29 7.76
N ASN A 480 5.55 -20.18 7.09
CA ASN A 480 6.79 -20.67 7.69
C ASN A 480 7.13 -19.91 8.96
N PHE A 481 6.98 -18.58 8.93
CA PHE A 481 7.26 -17.81 10.13
C PHE A 481 6.36 -18.21 11.27
N ASN A 482 5.06 -18.37 11.00
CA ASN A 482 4.13 -18.75 12.05
C ASN A 482 4.45 -20.13 12.59
N TYR A 483 4.88 -21.05 11.71
CA TYR A 483 5.27 -22.37 12.15
C TYR A 483 6.43 -22.30 13.12
N PHE A 484 7.50 -21.59 12.75
CA PHE A 484 8.67 -21.51 13.62
C PHE A 484 8.36 -20.77 14.91
N TYR A 485 7.56 -19.71 14.82
CA TYR A 485 7.21 -18.92 15.99
C TYR A 485 6.45 -19.75 17.00
N HIS A 486 5.43 -20.49 16.55
CA HIS A 486 4.64 -21.28 17.48
C HIS A 486 5.36 -22.55 17.92
N ARG A 487 6.30 -23.04 17.11
CA ARG A 487 7.14 -24.13 17.56
C ARG A 487 8.04 -23.70 18.70
N GLU A 488 8.61 -22.49 18.60
CA GLU A 488 9.40 -21.95 19.70
C GLU A 488 8.53 -21.75 20.93
N THR A 489 7.47 -20.97 20.80
CA THR A 489 6.55 -20.76 21.91
C THR A 489 5.42 -21.78 21.87
N ALA B 226 22.94 -31.85 -22.35
CA ALA B 226 21.49 -31.74 -22.18
C ALA B 226 21.17 -30.79 -21.04
N ARG B 227 22.13 -30.63 -20.12
CA ARG B 227 22.00 -29.58 -19.12
C ARG B 227 22.85 -28.38 -19.50
N VAL B 228 23.97 -28.61 -20.17
CA VAL B 228 24.75 -27.50 -20.70
C VAL B 228 23.94 -26.75 -21.75
N VAL B 229 23.13 -27.46 -22.53
CA VAL B 229 22.31 -26.79 -23.53
C VAL B 229 21.24 -25.94 -22.86
N ALA B 230 20.69 -26.42 -21.74
CA ALA B 230 19.71 -25.65 -20.99
C ALA B 230 20.34 -24.40 -20.40
N ILE B 231 21.58 -24.52 -19.89
CA ILE B 231 22.21 -23.34 -19.29
C ILE B 231 22.63 -22.35 -20.37
N ILE B 232 23.00 -22.83 -21.55
CA ILE B 232 23.26 -21.93 -22.68
C ILE B 232 21.99 -21.22 -23.08
N SER B 233 20.87 -21.93 -23.12
CA SER B 233 19.60 -21.30 -23.49
C SER B 233 19.20 -20.22 -22.50
N VAL B 234 19.36 -20.49 -21.21
CA VAL B 234 19.03 -19.48 -20.21
C VAL B 234 19.96 -18.28 -20.33
N PHE B 235 21.25 -18.52 -20.56
CA PHE B 235 22.18 -17.42 -20.72
C PHE B 235 21.85 -16.58 -21.94
N VAL B 236 21.43 -17.21 -23.03
CA VAL B 236 21.09 -16.48 -24.25
C VAL B 236 19.81 -15.68 -24.06
N ILE B 237 18.82 -16.24 -23.36
CA ILE B 237 17.60 -15.46 -23.09
C ILE B 237 17.91 -14.26 -22.23
N LEU B 238 18.71 -14.45 -21.19
CA LEU B 238 19.07 -13.32 -20.33
C LEU B 238 19.88 -12.28 -21.09
N LEU B 239 20.77 -12.73 -21.98
CA LEU B 239 21.55 -11.80 -22.79
C LEU B 239 20.65 -10.99 -23.72
N SER B 240 19.65 -11.62 -24.31
CA SER B 240 18.74 -10.89 -25.17
C SER B 240 17.91 -9.87 -24.39
N ILE B 241 17.50 -10.23 -23.16
CA ILE B 241 16.78 -9.26 -22.32
C ILE B 241 17.67 -8.07 -22.01
N VAL B 242 18.92 -8.33 -21.63
CA VAL B 242 19.86 -7.26 -21.33
C VAL B 242 20.08 -6.39 -22.56
N ILE B 243 20.17 -6.99 -23.73
CA ILE B 243 20.44 -6.22 -24.94
C ILE B 243 19.26 -5.33 -25.30
N PHE B 244 18.04 -5.86 -25.16
CA PHE B 244 16.82 -5.05 -25.27
C PHE B 244 16.92 -3.80 -24.38
N CYS B 245 17.08 -4.03 -23.08
CA CYS B 245 17.07 -2.92 -22.12
C CYS B 245 18.20 -1.95 -22.37
N LEU B 246 19.37 -2.44 -22.79
CA LEU B 246 20.50 -1.55 -23.00
C LEU B 246 20.38 -0.76 -24.31
N GLU B 247 19.84 -1.37 -25.35
CA GLU B 247 19.69 -0.59 -26.57
C GLU B 247 18.64 0.48 -26.42
N THR B 248 17.78 0.40 -25.41
CA THR B 248 16.98 1.60 -25.15
C THR B 248 17.74 2.71 -24.44
N LEU B 249 18.95 2.47 -23.93
CA LEU B 249 19.65 3.50 -23.17
C LEU B 249 20.11 4.62 -24.08
N PRO B 250 20.17 5.85 -23.56
CA PRO B 250 20.56 6.99 -24.41
C PRO B 250 22.02 7.01 -24.81
N GLU B 251 22.89 6.28 -24.11
CA GLU B 251 24.29 6.22 -24.52
C GLU B 251 24.45 5.50 -25.84
N PHE B 252 23.50 4.63 -26.19
CA PHE B 252 23.59 3.81 -27.39
C PHE B 252 22.48 4.17 -28.38
N ASP B 277 25.65 -1.89 -34.41
CA ASP B 277 26.02 -3.23 -34.85
C ASP B 277 26.33 -4.19 -33.68
N PRO B 278 27.20 -3.79 -32.72
CA PRO B 278 27.47 -4.70 -31.60
C PRO B 278 26.23 -5.12 -30.85
N PHE B 279 25.19 -4.29 -30.86
CA PHE B 279 23.89 -4.73 -30.36
C PHE B 279 23.10 -5.50 -31.41
N PHE B 280 23.20 -5.14 -32.68
CA PHE B 280 22.47 -5.89 -33.70
C PHE B 280 23.12 -7.23 -33.99
N LEU B 281 24.44 -7.34 -33.84
CA LEU B 281 25.07 -8.64 -34.03
C LEU B 281 24.76 -9.57 -32.87
N ILE B 282 24.81 -9.07 -31.64
CA ILE B 282 24.39 -9.89 -30.51
C ILE B 282 22.92 -10.27 -30.65
N GLU B 283 22.10 -9.34 -31.13
CA GLU B 283 20.69 -9.64 -31.32
C GLU B 283 20.49 -10.73 -32.37
N THR B 284 21.20 -10.64 -33.49
CA THR B 284 21.03 -11.65 -34.53
C THR B 284 21.61 -12.99 -34.09
N LEU B 285 22.63 -13.00 -33.23
CA LEU B 285 23.12 -14.26 -32.70
C LEU B 285 22.11 -14.91 -31.76
N CYS B 286 21.53 -14.11 -30.87
CA CYS B 286 20.48 -14.62 -30.00
C CYS B 286 19.29 -15.13 -30.81
N ILE B 287 18.94 -14.45 -31.91
CA ILE B 287 17.83 -14.90 -32.72
C ILE B 287 18.20 -16.14 -33.53
N ILE B 288 19.46 -16.26 -33.95
CA ILE B 288 19.88 -17.47 -34.65
C ILE B 288 19.77 -18.67 -33.70
N TRP B 289 20.19 -18.50 -32.45
CA TRP B 289 20.00 -19.56 -31.48
C TRP B 289 18.53 -19.84 -31.22
N PHE B 290 17.73 -18.79 -31.09
CA PHE B 290 16.30 -18.97 -30.83
C PHE B 290 15.64 -19.76 -31.95
N THR B 291 15.93 -19.41 -33.21
CA THR B 291 15.30 -20.09 -34.32
C THR B 291 15.89 -21.47 -34.54
N PHE B 292 17.16 -21.71 -34.17
CA PHE B 292 17.69 -23.06 -34.23
C PHE B 292 17.01 -23.96 -33.22
N GLU B 293 16.87 -23.49 -31.99
CA GLU B 293 16.14 -24.26 -30.98
C GLU B 293 14.70 -24.50 -31.42
N LEU B 294 14.07 -23.48 -32.01
CA LEU B 294 12.70 -23.62 -32.48
C LEU B 294 12.58 -24.66 -33.58
N THR B 295 13.48 -24.63 -34.56
CA THR B 295 13.42 -25.55 -35.69
C THR B 295 14.01 -26.92 -35.38
N VAL B 296 14.61 -27.09 -34.21
CA VAL B 296 14.88 -28.43 -33.70
C VAL B 296 13.67 -28.99 -32.96
N ARG B 297 13.00 -28.16 -32.16
CA ARG B 297 11.80 -28.63 -31.48
C ARG B 297 10.71 -28.99 -32.47
N PHE B 298 10.52 -28.18 -33.50
CA PHE B 298 9.53 -28.46 -34.53
C PHE B 298 10.20 -29.01 -35.78
N ASP B 310 1.10 -25.99 -27.98
CA ASP B 310 1.02 -25.41 -26.65
C ASP B 310 1.49 -23.96 -26.65
N VAL B 311 1.40 -23.32 -25.48
CA VAL B 311 1.67 -21.89 -25.40
C VAL B 311 3.16 -21.60 -25.44
N MET B 312 3.99 -22.54 -25.00
CA MET B 312 5.43 -22.28 -25.01
C MET B 312 5.99 -22.25 -26.43
N ASN B 313 5.45 -23.07 -27.33
CA ASN B 313 5.86 -22.98 -28.72
C ASN B 313 5.37 -21.68 -29.37
N VAL B 314 4.20 -21.20 -28.96
CA VAL B 314 3.74 -19.90 -29.43
C VAL B 314 4.67 -18.80 -28.95
N ILE B 315 5.16 -18.91 -27.72
CA ILE B 315 6.12 -17.94 -27.20
C ILE B 315 7.42 -18.00 -27.99
N ASP B 316 7.90 -19.21 -28.27
CA ASP B 316 9.09 -19.36 -29.10
C ASP B 316 8.90 -18.77 -30.48
N ILE B 317 7.69 -18.83 -31.02
CA ILE B 317 7.42 -18.21 -32.32
C ILE B 317 7.47 -16.69 -32.21
N ILE B 318 6.73 -16.13 -31.24
CA ILE B 318 6.69 -14.69 -31.05
C ILE B 318 8.05 -14.11 -30.71
N ALA B 319 8.96 -14.94 -30.22
CA ALA B 319 10.29 -14.45 -29.87
C ALA B 319 11.16 -14.11 -31.07
N ILE B 320 10.77 -14.51 -32.28
CA ILE B 320 11.56 -14.20 -33.48
C ILE B 320 10.77 -13.47 -34.54
N ILE B 321 9.45 -13.44 -34.45
CA ILE B 321 8.64 -12.70 -35.41
C ILE B 321 9.07 -11.23 -35.53
N PRO B 322 9.34 -10.50 -34.44
CA PRO B 322 9.78 -9.12 -34.62
C PRO B 322 11.08 -8.98 -35.38
N TYR B 323 12.10 -9.76 -35.02
CA TYR B 323 13.36 -9.70 -35.76
C TYR B 323 13.15 -9.97 -37.23
N PHE B 324 12.24 -10.89 -37.57
CA PHE B 324 12.08 -11.19 -38.98
C PHE B 324 11.17 -10.20 -39.69
N ILE B 325 10.34 -9.46 -38.96
CA ILE B 325 9.59 -8.37 -39.57
C ILE B 325 10.51 -7.19 -39.87
N THR B 326 11.39 -6.85 -38.94
CA THR B 326 12.29 -5.71 -39.17
C THR B 326 13.37 -5.99 -40.21
N LEU B 327 13.23 -7.04 -41.02
CA LEU B 327 14.15 -7.31 -42.11
C LEU B 327 13.39 -7.56 -43.41
N SER B 357 3.53 3.85 -40.62
CA SER B 357 3.32 4.57 -39.39
C SER B 357 4.23 4.06 -38.28
N LEU B 358 4.67 4.95 -37.40
CA LEU B 358 5.56 4.58 -36.31
C LEU B 358 4.83 3.83 -35.19
N ALA B 359 3.49 3.82 -35.22
CA ALA B 359 2.75 3.09 -34.19
C ALA B 359 3.00 1.59 -34.30
N ILE B 360 2.90 1.04 -35.51
CA ILE B 360 3.18 -0.38 -35.73
C ILE B 360 4.61 -0.70 -35.34
N LEU B 361 5.54 0.22 -35.64
CA LEU B 361 6.94 -0.02 -35.32
C LEU B 361 7.16 -0.08 -33.82
N ARG B 362 6.58 0.86 -33.06
CA ARG B 362 6.68 0.77 -31.61
C ARG B 362 5.98 -0.47 -31.07
N VAL B 363 4.89 -0.92 -31.71
CA VAL B 363 4.19 -2.09 -31.22
C VAL B 363 5.05 -3.34 -31.38
N ILE B 364 5.73 -3.48 -32.52
CA ILE B 364 6.56 -4.67 -32.68
C ILE B 364 7.83 -4.56 -31.85
N ARG B 365 8.42 -3.37 -31.76
CA ARG B 365 9.57 -3.20 -30.88
C ARG B 365 9.20 -3.43 -29.43
N LEU B 366 7.93 -3.29 -29.07
CA LEU B 366 7.47 -3.67 -27.75
C LEU B 366 7.33 -5.18 -27.63
N VAL B 367 6.65 -5.82 -28.59
CA VAL B 367 6.48 -7.27 -28.51
C VAL B 367 7.79 -8.01 -28.61
N ARG B 368 8.91 -7.31 -28.88
CA ARG B 368 10.22 -7.91 -28.67
C ARG B 368 10.49 -8.25 -27.21
N VAL B 369 9.65 -7.79 -26.29
CA VAL B 369 9.86 -8.06 -24.86
C VAL B 369 9.39 -9.45 -24.47
N PHE B 370 8.64 -10.12 -25.34
CA PHE B 370 8.13 -11.45 -25.02
C PHE B 370 9.22 -12.51 -24.97
N ARG B 371 10.47 -12.12 -25.22
CA ARG B 371 11.59 -13.03 -24.98
C ARG B 371 11.73 -13.38 -23.52
N ILE B 372 11.23 -12.53 -22.62
CA ILE B 372 11.34 -12.81 -21.19
C ILE B 372 10.47 -13.98 -20.78
N PHE B 373 9.44 -14.30 -21.55
CA PHE B 373 8.60 -15.45 -21.27
C PHE B 373 9.20 -16.75 -21.78
N LYS B 374 10.29 -16.68 -22.54
CA LYS B 374 11.03 -17.88 -22.90
C LYS B 374 11.69 -18.52 -21.71
N LEU B 375 11.79 -17.80 -20.59
CA LEU B 375 12.26 -18.39 -19.34
C LEU B 375 11.25 -19.34 -18.73
N SER B 376 10.01 -19.36 -19.23
CA SER B 376 9.02 -20.27 -18.69
C SER B 376 9.39 -21.72 -18.91
N ARG B 377 10.02 -22.04 -20.04
CA ARG B 377 10.40 -23.42 -20.30
C ARG B 377 11.42 -23.93 -19.28
N HIS B 378 12.22 -23.05 -18.70
CA HIS B 378 13.25 -23.44 -17.75
C HIS B 378 12.85 -23.20 -16.30
N SER B 379 12.07 -22.16 -16.03
CA SER B 379 11.62 -21.88 -14.68
C SER B 379 10.33 -22.64 -14.39
N LYS B 380 10.32 -23.37 -13.28
CA LYS B 380 9.13 -24.10 -12.86
C LYS B 380 8.13 -23.20 -12.15
N GLY B 381 8.61 -22.20 -11.43
CA GLY B 381 7.70 -21.26 -10.79
C GLY B 381 6.91 -20.44 -11.79
N LEU B 382 7.49 -20.16 -12.95
CA LEU B 382 6.78 -19.41 -13.96
C LEU B 382 5.71 -20.25 -14.64
N GLN B 383 5.96 -21.56 -14.79
CA GLN B 383 4.90 -22.46 -15.27
C GLN B 383 3.80 -22.61 -14.24
N ILE B 384 4.16 -22.65 -12.95
CA ILE B 384 3.14 -22.67 -11.91
C ILE B 384 2.30 -21.40 -11.95
N LEU B 385 2.94 -20.26 -12.18
CA LEU B 385 2.20 -19.01 -12.31
C LEU B 385 1.27 -19.02 -13.53
N GLY B 386 1.73 -19.61 -14.64
CA GLY B 386 0.85 -19.74 -15.80
C GLY B 386 -0.34 -20.62 -15.52
N ARG B 387 -0.13 -21.76 -14.86
CA ARG B 387 -1.23 -22.64 -14.50
C ARG B 387 -2.20 -21.94 -13.55
N THR B 388 -1.67 -21.17 -12.61
CA THR B 388 -2.52 -20.41 -11.69
C THR B 388 -3.37 -19.38 -12.44
N LEU B 389 -2.75 -18.62 -13.34
CA LEU B 389 -3.49 -17.63 -14.11
C LEU B 389 -4.56 -18.29 -14.96
N LYS B 390 -4.25 -19.44 -15.54
CA LYS B 390 -5.25 -20.15 -16.34
C LYS B 390 -6.38 -20.69 -15.49
N ALA B 391 -6.10 -21.07 -14.24
CA ALA B 391 -7.11 -21.67 -13.37
C ALA B 391 -7.95 -20.66 -12.61
N SER B 392 -7.53 -19.40 -12.55
CA SER B 392 -8.27 -18.36 -11.84
C SER B 392 -8.68 -17.24 -12.80
N MET B 393 -9.12 -17.62 -13.99
CA MET B 393 -9.56 -16.63 -14.96
C MET B 393 -10.84 -15.94 -14.51
N ARG B 394 -11.78 -16.69 -13.93
CA ARG B 394 -13.00 -16.07 -13.43
C ARG B 394 -12.69 -15.06 -12.32
N GLU B 395 -11.73 -15.37 -11.46
CA GLU B 395 -11.40 -14.47 -10.36
C GLU B 395 -10.63 -13.25 -10.84
N LEU B 396 -9.77 -13.41 -11.85
CA LEU B 396 -9.11 -12.26 -12.45
C LEU B 396 -10.13 -11.34 -13.12
N GLY B 397 -11.09 -11.94 -13.83
CA GLY B 397 -12.15 -11.14 -14.43
C GLY B 397 -13.00 -10.44 -13.39
N LEU B 398 -13.26 -11.10 -12.27
CA LEU B 398 -14.04 -10.48 -11.20
C LEU B 398 -13.28 -9.33 -10.56
N LEU B 399 -11.96 -9.49 -10.38
CA LEU B 399 -11.15 -8.40 -9.87
C LEU B 399 -11.19 -7.21 -10.81
N ILE B 400 -11.00 -7.45 -12.11
CA ILE B 400 -11.03 -6.35 -13.07
C ILE B 400 -12.41 -5.71 -13.13
N PHE B 401 -13.47 -6.50 -12.99
CA PHE B 401 -14.82 -5.97 -13.01
C PHE B 401 -15.11 -5.08 -11.80
N PHE B 402 -14.73 -5.56 -10.61
CA PHE B 402 -14.92 -4.75 -9.40
C PHE B 402 -14.11 -3.46 -9.48
N LEU B 403 -12.90 -3.54 -10.03
CA LEU B 403 -12.11 -2.32 -10.18
C LEU B 403 -12.74 -1.37 -11.18
N PHE B 404 -13.27 -1.89 -12.28
CA PHE B 404 -13.95 -1.04 -13.26
C PHE B 404 -15.14 -0.33 -12.62
N ILE B 405 -15.93 -1.07 -11.86
CA ILE B 405 -17.11 -0.47 -11.23
C ILE B 405 -16.70 0.58 -10.21
N GLY B 406 -15.73 0.25 -9.34
CA GLY B 406 -15.28 1.22 -8.37
C GLY B 406 -14.65 2.44 -9.00
N VAL B 407 -13.93 2.24 -10.10
CA VAL B 407 -13.26 3.37 -10.76
C VAL B 407 -14.29 4.31 -11.36
N VAL B 408 -15.28 3.77 -12.07
CA VAL B 408 -16.31 4.63 -12.64
C VAL B 408 -17.08 5.34 -11.53
N LEU B 409 -17.42 4.62 -10.46
CA LEU B 409 -18.19 5.20 -9.37
C LEU B 409 -17.44 6.34 -8.70
N PHE B 410 -16.20 6.10 -8.30
CA PHE B 410 -15.46 7.11 -7.55
C PHE B 410 -14.94 8.22 -8.45
N SER B 411 -14.69 7.96 -9.72
CA SER B 411 -14.35 9.03 -10.65
C SER B 411 -15.53 9.96 -10.86
N SER B 412 -16.73 9.41 -11.04
CA SER B 412 -17.91 10.25 -11.13
C SER B 412 -18.10 11.06 -9.86
N ALA B 413 -17.98 10.40 -8.70
CA ALA B 413 -18.22 11.07 -7.44
C ALA B 413 -17.23 12.22 -7.23
N VAL B 414 -15.94 11.98 -7.49
CA VAL B 414 -14.95 13.02 -7.23
C VAL B 414 -15.06 14.12 -8.28
N TYR B 415 -15.43 13.79 -9.53
CA TYR B 415 -15.61 14.83 -10.53
C TYR B 415 -16.77 15.73 -10.17
N PHE B 416 -17.89 15.19 -9.72
CA PHE B 416 -19.02 16.02 -9.37
C PHE B 416 -18.84 16.72 -8.03
N ALA B 417 -17.99 16.19 -7.15
CA ALA B 417 -17.65 16.89 -5.92
C ALA B 417 -16.76 18.09 -6.20
N GLU B 418 -15.82 17.95 -7.14
CA GLU B 418 -14.89 19.02 -7.44
C GLU B 418 -15.41 20.01 -8.46
N ALA B 419 -16.37 19.63 -9.29
CA ALA B 419 -16.80 20.48 -10.38
C ALA B 419 -17.53 21.74 -9.93
N GLY B 420 -18.00 21.78 -8.69
CA GLY B 420 -18.70 22.96 -8.22
C GLY B 420 -17.82 24.17 -7.99
N SER B 421 -16.50 23.99 -8.03
CA SER B 421 -15.58 25.06 -7.73
C SER B 421 -14.91 25.57 -9.01
N GLU B 422 -14.05 26.57 -8.85
CA GLU B 422 -13.23 27.09 -9.93
C GLU B 422 -11.86 26.42 -9.91
N ASN B 423 -11.25 26.32 -11.09
CA ASN B 423 -9.98 25.61 -11.26
C ASN B 423 -10.09 24.18 -10.73
N SER B 424 -11.07 23.46 -11.26
CA SER B 424 -11.33 22.10 -10.82
C SER B 424 -10.12 21.22 -11.09
N PHE B 425 -9.86 20.30 -10.16
CA PHE B 425 -8.71 19.41 -10.30
C PHE B 425 -8.88 18.48 -11.49
N PHE B 426 -10.06 17.89 -11.62
CA PHE B 426 -10.36 16.95 -12.69
C PHE B 426 -11.21 17.63 -13.75
N LYS B 427 -10.85 17.41 -15.02
CA LYS B 427 -11.52 18.08 -16.13
C LYS B 427 -12.70 17.27 -16.64
N SER B 428 -12.70 15.96 -16.44
CA SER B 428 -13.79 15.09 -16.84
C SER B 428 -13.80 13.89 -15.91
N ILE B 429 -14.77 13.01 -16.10
CA ILE B 429 -14.81 11.76 -15.34
C ILE B 429 -13.70 10.84 -15.84
N PRO B 430 -13.40 10.76 -17.14
CA PRO B 430 -12.19 10.04 -17.55
C PRO B 430 -10.91 10.63 -16.99
N ASP B 431 -10.87 11.92 -16.70
CA ASP B 431 -9.67 12.52 -16.14
C ASP B 431 -9.41 12.07 -14.72
N ALA B 432 -10.40 11.50 -14.04
CA ALA B 432 -10.25 10.98 -12.68
C ALA B 432 -10.07 9.47 -12.65
N PHE B 433 -10.02 8.81 -13.81
CA PHE B 433 -9.88 7.37 -13.84
C PHE B 433 -8.55 6.94 -13.24
N TRP B 434 -7.48 7.65 -13.59
CA TRP B 434 -6.15 7.34 -13.06
C TRP B 434 -6.11 7.53 -11.55
N TRP B 435 -6.65 8.66 -11.08
CA TRP B 435 -6.71 8.92 -9.64
C TRP B 435 -7.45 7.81 -8.92
N ALA B 436 -8.59 7.38 -9.46
CA ALA B 436 -9.36 6.34 -8.80
C ALA B 436 -8.60 5.02 -8.78
N VAL B 437 -7.90 4.69 -9.87
CA VAL B 437 -7.12 3.46 -9.90
C VAL B 437 -6.04 3.47 -8.84
N VAL B 438 -5.25 4.56 -8.78
CA VAL B 438 -4.14 4.59 -7.85
C VAL B 438 -4.58 4.82 -6.41
N THR B 439 -5.81 5.27 -6.19
CA THR B 439 -6.29 5.35 -4.81
C THR B 439 -6.88 4.03 -4.36
N MET B 440 -7.57 3.31 -5.24
CA MET B 440 -8.10 2.01 -4.86
C MET B 440 -7.01 0.97 -4.69
N THR B 441 -5.95 1.05 -5.50
CA THR B 441 -4.84 0.13 -5.32
C THR B 441 -3.88 0.57 -4.24
N THR B 442 -4.10 1.73 -3.62
CA THR B 442 -3.25 2.32 -2.59
C THR B 442 -1.85 2.63 -3.11
N VAL B 443 -1.66 2.68 -4.43
CA VAL B 443 -0.40 3.15 -4.97
C VAL B 443 -0.23 4.63 -4.64
N GLY B 444 -1.31 5.38 -4.65
CA GLY B 444 -1.23 6.77 -4.28
C GLY B 444 -1.10 7.67 -5.49
N TYR B 445 -1.74 8.82 -5.42
CA TYR B 445 -1.80 9.75 -6.53
C TYR B 445 -0.68 10.78 -6.51
N GLY B 446 -0.31 11.26 -5.34
CA GLY B 446 0.62 12.36 -5.24
C GLY B 446 0.01 13.54 -4.53
N ASP B 447 0.06 14.72 -5.14
CA ASP B 447 -0.41 15.93 -4.51
C ASP B 447 -1.91 16.09 -4.75
N MET B 448 -2.68 15.99 -3.66
CA MET B 448 -4.13 16.21 -3.69
C MET B 448 -4.52 17.50 -2.97
N THR B 449 -3.65 18.50 -3.00
CA THR B 449 -3.88 19.76 -2.30
C THR B 449 -4.96 20.61 -2.95
N PRO B 450 -5.07 20.68 -4.29
CA PRO B 450 -6.14 21.49 -4.88
C PRO B 450 -7.52 20.87 -4.78
N VAL B 451 -7.69 19.87 -3.92
CA VAL B 451 -8.95 19.17 -3.77
C VAL B 451 -9.64 19.67 -2.51
N GLY B 452 -10.97 19.71 -2.55
CA GLY B 452 -11.77 20.25 -1.46
C GLY B 452 -12.26 19.19 -0.50
N VAL B 453 -13.17 19.61 0.37
CA VAL B 453 -13.62 18.75 1.46
C VAL B 453 -14.40 17.55 0.92
N TRP B 454 -15.29 17.78 -0.03
CA TRP B 454 -16.08 16.68 -0.59
C TRP B 454 -15.20 15.76 -1.43
N GLY B 455 -14.23 16.34 -2.15
CA GLY B 455 -13.28 15.52 -2.86
C GLY B 455 -12.48 14.62 -1.93
N LYS B 456 -12.12 15.13 -0.76
CA LYS B 456 -11.38 14.32 0.19
C LYS B 456 -12.25 13.29 0.90
N ILE B 457 -13.53 13.59 1.11
CA ILE B 457 -14.45 12.58 1.62
C ILE B 457 -14.60 11.44 0.62
N VAL B 458 -14.79 11.78 -0.66
CA VAL B 458 -14.86 10.78 -1.71
C VAL B 458 -13.57 10.00 -1.78
N GLY B 459 -12.42 10.66 -1.59
CA GLY B 459 -11.15 9.97 -1.64
C GLY B 459 -10.95 9.00 -0.49
N SER B 460 -11.43 9.37 0.70
CA SER B 460 -11.39 8.45 1.83
C SER B 460 -12.21 7.21 1.56
N LEU B 461 -13.45 7.41 1.08
CA LEU B 461 -14.28 6.27 0.72
C LEU B 461 -13.62 5.44 -0.36
N CYS B 462 -12.95 6.10 -1.32
CA CYS B 462 -12.29 5.37 -2.40
C CYS B 462 -11.15 4.51 -1.87
N ALA B 463 -10.37 5.05 -0.94
CA ALA B 463 -9.29 4.27 -0.34
C ALA B 463 -9.84 3.02 0.36
N ILE B 464 -10.87 3.20 1.17
CA ILE B 464 -11.44 2.06 1.91
C ILE B 464 -12.00 1.03 0.95
N ALA B 465 -12.85 1.46 0.02
CA ALA B 465 -13.47 0.54 -0.92
C ALA B 465 -12.44 -0.16 -1.78
N GLY B 466 -11.37 0.54 -2.14
CA GLY B 466 -10.33 -0.12 -2.91
C GLY B 466 -9.63 -1.20 -2.14
N VAL B 467 -9.29 -0.94 -0.88
CA VAL B 467 -8.72 -1.97 -0.02
C VAL B 467 -9.60 -3.20 -0.08
N LEU B 468 -10.89 -3.02 0.18
CA LEU B 468 -11.80 -4.18 0.21
C LEU B 468 -11.85 -4.91 -1.13
N THR B 469 -12.03 -4.17 -2.23
CA THR B 469 -12.27 -4.83 -3.52
C THR B 469 -11.03 -5.50 -4.06
N ILE B 470 -9.84 -4.98 -3.76
CA ILE B 470 -8.64 -5.71 -4.17
C ILE B 470 -8.36 -6.83 -3.18
N ALA B 471 -9.02 -6.81 -2.02
CA ALA B 471 -8.81 -7.89 -1.07
C ALA B 471 -9.77 -9.05 -1.28
N LEU B 472 -10.84 -8.88 -2.05
CA LEU B 472 -11.81 -9.98 -2.14
C LEU B 472 -11.42 -11.07 -3.14
N PRO B 473 -11.16 -10.78 -4.42
CA PRO B 473 -10.77 -11.87 -5.34
C PRO B 473 -9.40 -12.47 -5.06
N VAL B 474 -8.47 -11.72 -4.47
CA VAL B 474 -7.06 -12.15 -4.47
C VAL B 474 -6.81 -13.42 -3.66
N PRO B 475 -7.43 -13.64 -2.50
CA PRO B 475 -7.20 -14.90 -1.79
C PRO B 475 -7.46 -16.15 -2.61
N VAL B 476 -8.39 -16.12 -3.56
CA VAL B 476 -8.67 -17.32 -4.34
C VAL B 476 -7.53 -17.59 -5.30
N ILE B 477 -7.01 -16.55 -5.94
CA ILE B 477 -5.84 -16.70 -6.80
C ILE B 477 -4.64 -17.18 -6.00
N VAL B 478 -4.48 -16.65 -4.79
CA VAL B 478 -3.36 -17.07 -3.96
C VAL B 478 -3.49 -18.52 -3.56
N SER B 479 -4.71 -18.97 -3.25
CA SER B 479 -4.93 -20.37 -2.91
C SER B 479 -4.65 -21.28 -4.10
N ASN B 480 -5.04 -20.85 -5.30
CA ASN B 480 -4.72 -21.63 -6.50
C ASN B 480 -3.22 -21.73 -6.71
N PHE B 481 -2.51 -20.61 -6.54
CA PHE B 481 -1.06 -20.66 -6.69
C PHE B 481 -0.43 -21.60 -5.69
N ASN B 482 -0.85 -21.52 -4.44
CA ASN B 482 -0.27 -22.40 -3.42
C ASN B 482 -0.58 -23.86 -3.72
N TYR B 483 -1.78 -24.14 -4.23
CA TYR B 483 -2.12 -25.50 -4.61
C TYR B 483 -1.19 -26.02 -5.69
N PHE B 484 -1.02 -25.26 -6.76
CA PHE B 484 -0.15 -25.73 -7.85
C PHE B 484 1.29 -25.82 -7.41
N TYR B 485 1.75 -24.87 -6.60
CA TYR B 485 3.12 -24.86 -6.13
C TYR B 485 3.43 -26.09 -5.30
N HIS B 486 2.57 -26.41 -4.34
CA HIS B 486 2.81 -27.57 -3.49
C HIS B 486 2.52 -28.88 -4.20
N ARG B 487 1.66 -28.87 -5.21
CA ARG B 487 1.48 -30.05 -6.04
C ARG B 487 2.74 -30.36 -6.82
N GLU B 488 3.37 -29.33 -7.38
CA GLU B 488 4.66 -29.52 -8.06
C GLU B 488 5.71 -30.02 -7.08
N THR B 489 5.96 -29.26 -6.02
CA THR B 489 6.90 -29.68 -5.00
C THR B 489 6.21 -30.48 -3.90
N ALA C 226 -32.03 3.41 31.67
CA ALA C 226 -30.79 2.63 31.71
C ALA C 226 -30.22 2.46 30.32
N ARG C 227 -31.09 2.57 29.31
CA ARG C 227 -30.61 2.65 27.94
C ARG C 227 -30.61 4.09 27.45
N VAL C 228 -31.56 4.90 27.94
CA VAL C 228 -31.52 6.32 27.64
C VAL C 228 -30.27 6.96 28.24
N VAL C 229 -29.83 6.49 29.41
CA VAL C 229 -28.62 7.03 30.00
C VAL C 229 -27.41 6.65 29.18
N ALA C 230 -27.41 5.44 28.62
CA ALA C 230 -26.30 5.03 27.74
C ALA C 230 -26.27 5.85 26.47
N ILE C 231 -27.45 6.15 25.90
CA ILE C 231 -27.46 6.93 24.67
C ILE C 231 -27.10 8.39 24.95
N ILE C 232 -27.46 8.92 26.12
CA ILE C 232 -27.00 10.25 26.52
C ILE C 232 -25.48 10.25 26.68
N SER C 233 -24.92 9.22 27.29
CA SER C 233 -23.48 9.16 27.47
C SER C 233 -22.75 9.11 26.13
N VAL C 234 -23.25 8.33 25.19
CA VAL C 234 -22.61 8.27 23.88
C VAL C 234 -22.73 9.61 23.16
N PHE C 235 -23.89 10.26 23.27
CA PHE C 235 -24.06 11.56 22.63
C PHE C 235 -23.12 12.60 23.24
N VAL C 236 -22.92 12.54 24.56
CA VAL C 236 -22.04 13.51 25.23
C VAL C 236 -20.59 13.25 24.85
N ILE C 237 -20.18 11.98 24.75
CA ILE C 237 -18.80 11.70 24.33
C ILE C 237 -18.58 12.19 22.91
N LEU C 238 -19.53 11.92 22.01
CA LEU C 238 -19.37 12.38 20.64
C LEU C 238 -19.36 13.90 20.56
N LEU C 239 -20.18 14.57 21.38
CA LEU C 239 -20.20 16.02 21.41
C LEU C 239 -18.87 16.58 21.89
N SER C 240 -18.26 15.95 22.89
CA SER C 240 -16.97 16.42 23.36
C SER C 240 -15.88 16.22 22.31
N ILE C 241 -15.94 15.11 21.57
CA ILE C 241 -14.97 14.90 20.47
C ILE C 241 -15.14 15.98 19.42
N VAL C 242 -16.38 16.27 19.04
CA VAL C 242 -16.65 17.30 18.04
C VAL C 242 -16.16 18.65 18.54
N ILE C 243 -16.34 18.94 19.82
CA ILE C 243 -15.96 20.25 20.35
C ILE C 243 -14.44 20.39 20.36
N PHE C 244 -13.73 19.33 20.75
CA PHE C 244 -12.27 19.27 20.61
C PHE C 244 -11.85 19.66 19.19
N CYS C 245 -12.32 18.89 18.21
CA CYS C 245 -11.89 19.08 16.84
C CYS C 245 -12.27 20.46 16.31
N LEU C 246 -13.44 20.98 16.70
CA LEU C 246 -13.87 22.28 16.22
C LEU C 246 -13.13 23.43 16.88
N GLU C 247 -12.82 23.33 18.18
CA GLU C 247 -12.07 24.42 18.78
C GLU C 247 -10.65 24.47 18.26
N THR C 248 -10.16 23.42 17.60
CA THR C 248 -8.91 23.65 16.89
C THR C 248 -9.08 24.39 15.56
N LEU C 249 -10.30 24.58 15.07
CA LEU C 249 -10.48 25.21 13.77
C LEU C 249 -10.10 26.69 13.82
N PRO C 250 -9.59 27.25 12.72
CA PRO C 250 -9.16 28.66 12.73
C PRO C 250 -10.30 29.66 12.80
N GLU C 251 -11.53 29.26 12.47
CA GLU C 251 -12.65 30.19 12.60
C GLU C 251 -12.94 30.51 14.05
N PHE C 252 -12.55 29.63 14.97
CA PHE C 252 -12.84 29.81 16.38
C PHE C 252 -11.56 29.99 17.19
N ASP C 277 -16.36 30.96 24.89
CA ASP C 277 -17.30 30.51 25.92
C ASP C 277 -18.27 29.42 25.42
N PRO C 278 -18.94 29.62 24.26
CA PRO C 278 -19.85 28.57 23.79
C PRO C 278 -19.16 27.22 23.61
N PHE C 279 -17.86 27.22 23.35
CA PHE C 279 -17.10 25.98 23.40
C PHE C 279 -16.67 25.62 24.82
N PHE C 280 -16.34 26.60 25.65
CA PHE C 280 -15.95 26.28 27.02
C PHE C 280 -17.15 25.91 27.87
N LEU C 281 -18.33 26.45 27.58
CA LEU C 281 -19.51 26.03 28.33
C LEU C 281 -19.94 24.63 27.94
N ILE C 282 -19.94 24.32 26.64
CA ILE C 282 -20.22 22.95 26.23
C ILE C 282 -19.17 22.00 26.81
N GLU C 283 -17.92 22.44 26.84
CA GLU C 283 -16.87 21.59 27.40
C GLU C 283 -17.09 21.35 28.89
N THR C 284 -17.45 22.39 29.64
CA THR C 284 -17.66 22.20 31.07
C THR C 284 -18.92 21.39 31.34
N LEU C 285 -19.93 21.46 30.45
CA LEU C 285 -21.09 20.61 30.62
C LEU C 285 -20.75 19.15 30.37
N CYS C 286 -20.00 18.88 29.31
CA CYS C 286 -19.55 17.51 29.05
C CYS C 286 -18.69 16.99 30.20
N ILE C 287 -17.86 17.85 30.79
CA ILE C 287 -17.02 17.41 31.90
C ILE C 287 -17.85 17.23 33.17
N ILE C 288 -18.88 18.04 33.37
CA ILE C 288 -19.76 17.85 34.52
C ILE C 288 -20.46 16.51 34.42
N TRP C 289 -20.93 16.15 33.22
CA TRP C 289 -21.51 14.84 33.03
C TRP C 289 -20.48 13.73 33.22
N PHE C 290 -19.28 13.92 32.68
CA PHE C 290 -18.23 12.92 32.82
C PHE C 290 -17.91 12.65 34.28
N THR C 291 -17.74 13.72 35.07
CA THR C 291 -17.39 13.54 36.46
C THR C 291 -18.58 13.07 37.29
N PHE C 292 -19.82 13.38 36.89
CA PHE C 292 -20.97 12.82 37.58
C PHE C 292 -21.05 11.32 37.36
N GLU C 293 -20.90 10.89 36.12
CA GLU C 293 -20.87 9.46 35.83
C GLU C 293 -19.73 8.77 36.57
N LEU C 294 -18.56 9.42 36.61
CA LEU C 294 -17.42 8.85 37.32
C LEU C 294 -17.67 8.72 38.81
N THR C 295 -18.24 9.74 39.44
CA THR C 295 -18.48 9.73 40.88
C THR C 295 -19.75 8.97 41.26
N VAL C 296 -20.54 8.54 40.28
CA VAL C 296 -21.56 7.53 40.53
C VAL C 296 -20.98 6.13 40.44
N ARG C 297 -20.12 5.88 39.46
CA ARG C 297 -19.49 4.57 39.36
C ARG C 297 -18.60 4.30 40.55
N PHE C 298 -17.84 5.28 41.00
CA PHE C 298 -16.99 5.13 42.17
C PHE C 298 -17.62 5.81 43.38
N ASP C 310 -9.81 -1.23 36.91
CA ASP C 310 -9.66 -1.62 35.51
C ASP C 310 -9.28 -0.44 34.64
N VAL C 311 -9.09 -0.70 33.35
CA VAL C 311 -8.57 0.32 32.45
C VAL C 311 -9.64 1.33 32.08
N MET C 312 -10.90 0.92 32.07
CA MET C 312 -11.96 1.86 31.69
C MET C 312 -12.16 2.94 32.75
N ASN C 313 -11.99 2.59 34.03
CA ASN C 313 -12.04 3.63 35.06
C ASN C 313 -10.85 4.57 34.96
N VAL C 314 -9.68 4.05 34.58
CA VAL C 314 -8.53 4.90 34.35
C VAL C 314 -8.80 5.86 33.19
N ILE C 315 -9.49 5.38 32.15
CA ILE C 315 -9.86 6.24 31.03
C ILE C 315 -10.83 7.32 31.49
N ASP C 316 -11.83 6.94 32.30
CA ASP C 316 -12.75 7.91 32.85
C ASP C 316 -12.04 8.95 33.70
N ILE C 317 -10.97 8.56 34.38
CA ILE C 317 -10.19 9.52 35.16
C ILE C 317 -9.44 10.47 34.24
N ILE C 318 -8.71 9.93 33.27
CA ILE C 318 -7.94 10.75 32.34
C ILE C 318 -8.83 11.66 31.51
N ALA C 319 -10.11 11.34 31.40
CA ALA C 319 -11.02 12.17 30.62
C ALA C 319 -11.36 13.50 31.27
N ILE C 320 -11.03 13.69 32.55
CA ILE C 320 -11.32 14.97 33.23
C ILE C 320 -10.10 15.60 33.85
N ILE C 321 -9.00 14.87 33.99
CA ILE C 321 -7.76 15.45 34.51
C ILE C 321 -7.32 16.69 33.74
N PRO C 322 -7.35 16.72 32.40
CA PRO C 322 -6.95 17.96 31.72
C PRO C 322 -7.83 19.15 32.05
N TYR C 323 -9.15 18.98 32.00
CA TYR C 323 -10.04 20.09 32.35
C TYR C 323 -9.75 20.60 33.75
N PHE C 324 -9.43 19.70 34.68
CA PHE C 324 -9.20 20.18 36.04
C PHE C 324 -7.81 20.73 36.24
N ILE C 325 -6.85 20.38 35.38
CA ILE C 325 -5.55 21.03 35.42
C ILE C 325 -5.63 22.44 34.88
N THR C 326 -6.35 22.64 33.77
CA THR C 326 -6.44 23.97 33.19
C THR C 326 -7.31 24.93 34.01
N LEU C 327 -7.61 24.61 35.26
CA LEU C 327 -8.33 25.51 36.15
C LEU C 327 -7.61 25.64 37.48
N SER C 357 6.13 26.38 30.72
CA SER C 357 6.49 26.07 29.34
C SER C 357 5.25 25.62 28.56
N LEU C 358 5.21 25.96 27.27
CA LEU C 358 4.09 25.59 26.42
C LEU C 358 4.11 24.12 26.04
N ALA C 359 5.21 23.41 26.30
CA ALA C 359 5.27 21.98 25.98
C ALA C 359 4.29 21.19 26.84
N ILE C 360 4.29 21.44 28.15
CA ILE C 360 3.35 20.78 29.04
C ILE C 360 1.92 21.12 28.65
N LEU C 361 1.68 22.37 28.24
CA LEU C 361 0.33 22.79 27.86
C LEU C 361 -0.14 22.05 26.62
N ARG C 362 0.70 21.94 25.59
CA ARG C 362 0.33 21.15 24.43
C ARG C 362 0.16 19.68 24.78
N VAL C 363 0.94 19.16 25.74
CA VAL C 363 0.82 17.75 26.09
C VAL C 363 -0.53 17.48 26.75
N ILE C 364 -0.97 18.36 27.65
CA ILE C 364 -2.27 18.12 28.28
C ILE C 364 -3.41 18.41 27.31
N ARG C 365 -3.28 19.45 26.50
CA ARG C 365 -4.30 19.70 25.48
C ARG C 365 -4.37 18.57 24.48
N LEU C 366 -3.30 17.79 24.32
CA LEU C 366 -3.34 16.58 23.52
C LEU C 366 -4.05 15.46 24.26
N VAL C 367 -3.66 15.20 25.51
CA VAL C 367 -4.30 14.12 26.26
C VAL C 367 -5.77 14.38 26.52
N ARG C 368 -6.27 15.57 26.18
CA ARG C 368 -7.72 15.76 26.11
C ARG C 368 -8.36 14.89 25.03
N VAL C 369 -7.58 14.25 24.17
CA VAL C 369 -8.15 13.41 23.11
C VAL C 369 -8.56 12.04 23.62
N PHE C 370 -8.14 11.67 24.83
CA PHE C 370 -8.47 10.36 25.37
C PHE C 370 -9.95 10.22 25.72
N ARG C 371 -10.75 11.26 25.51
CA ARG C 371 -12.19 11.14 25.60
C ARG C 371 -12.75 10.20 24.56
N ILE C 372 -12.04 9.99 23.45
CA ILE C 372 -12.53 9.10 22.41
C ILE C 372 -12.49 7.65 22.85
N PHE C 373 -11.67 7.32 23.84
CA PHE C 373 -11.63 5.96 24.38
C PHE C 373 -12.72 5.71 25.39
N LYS C 374 -13.47 6.75 25.79
CA LYS C 374 -14.65 6.55 26.61
C LYS C 374 -15.75 5.83 25.86
N LEU C 375 -15.65 5.75 24.54
CA LEU C 375 -16.56 4.93 23.74
C LEU C 375 -16.33 3.45 23.93
N SER C 376 -15.22 3.05 24.57
CA SER C 376 -14.97 1.64 24.79
C SER C 376 -16.01 1.01 25.69
N ARG C 377 -16.51 1.74 26.69
CA ARG C 377 -17.51 1.18 27.58
C ARG C 377 -18.80 0.84 26.84
N HIS C 378 -19.10 1.52 25.75
CA HIS C 378 -20.33 1.29 25.00
C HIS C 378 -20.12 0.45 23.75
N SER C 379 -18.97 0.58 23.10
CA SER C 379 -18.68 -0.21 21.92
C SER C 379 -18.07 -1.54 22.31
N LYS C 380 -18.63 -2.63 21.80
CA LYS C 380 -18.10 -3.96 22.05
C LYS C 380 -16.92 -4.29 21.15
N GLY C 381 -16.90 -3.77 19.94
CA GLY C 381 -15.77 -3.98 19.06
C GLY C 381 -14.50 -3.33 19.57
N LEU C 382 -14.63 -2.21 20.27
CA LEU C 382 -13.46 -1.54 20.83
C LEU C 382 -12.91 -2.29 22.03
N GLN C 383 -13.78 -2.93 22.81
CA GLN C 383 -13.30 -3.82 23.88
C GLN C 383 -12.65 -5.06 23.30
N ILE C 384 -13.18 -5.59 22.21
CA ILE C 384 -12.53 -6.71 21.53
C ILE C 384 -11.15 -6.30 21.03
N LEU C 385 -11.04 -5.09 20.49
CA LEU C 385 -9.74 -4.60 20.04
C LEU C 385 -8.77 -4.43 21.22
N GLY C 386 -9.27 -3.98 22.36
CA GLY C 386 -8.41 -3.90 23.54
C GLY C 386 -7.93 -5.25 24.00
N ARG C 387 -8.82 -6.24 24.03
CA ARG C 387 -8.43 -7.60 24.40
C ARG C 387 -7.42 -8.17 23.42
N THR C 388 -7.61 -7.89 22.12
CA THR C 388 -6.67 -8.34 21.11
C THR C 388 -5.29 -7.71 21.31
N LEU C 389 -5.25 -6.40 21.54
CA LEU C 389 -3.98 -5.73 21.76
C LEU C 389 -3.28 -6.26 23.00
N LYS C 390 -4.05 -6.55 24.04
CA LYS C 390 -3.46 -7.09 25.26
C LYS C 390 -2.95 -8.51 25.05
N ALA C 391 -3.60 -9.28 24.18
CA ALA C 391 -3.23 -10.68 23.97
C ALA C 391 -2.13 -10.87 22.94
N SER C 392 -1.82 -9.86 22.13
CA SER C 392 -0.78 -9.96 21.11
C SER C 392 0.31 -8.93 21.37
N MET C 393 0.69 -8.76 22.63
CA MET C 393 1.75 -7.82 22.98
C MET C 393 3.10 -8.29 22.43
N ARG C 394 3.38 -9.59 22.54
CA ARG C 394 4.64 -10.10 22.00
C ARG C 394 4.72 -9.88 20.49
N GLU C 395 3.61 -10.04 19.78
CA GLU C 395 3.61 -9.87 18.33
C GLU C 395 3.70 -8.41 17.94
N LEU C 396 3.08 -7.52 18.70
CA LEU C 396 3.25 -6.09 18.46
C LEU C 396 4.69 -5.66 18.69
N GLY C 397 5.31 -6.17 19.76
CA GLY C 397 6.71 -5.88 20.01
C GLY C 397 7.60 -6.44 18.92
N LEU C 398 7.28 -7.62 18.40
CA LEU C 398 8.07 -8.21 17.32
C LEU C 398 7.94 -7.40 16.04
N LEU C 399 6.73 -6.91 15.74
CA LEU C 399 6.53 -6.04 14.59
C LEU C 399 7.36 -4.77 14.73
N ILE C 400 7.30 -4.13 15.90
CA ILE C 400 8.07 -2.90 16.10
C ILE C 400 9.57 -3.18 16.04
N PHE C 401 10.01 -4.33 16.54
CA PHE C 401 11.42 -4.69 16.50
C PHE C 401 11.91 -4.92 15.08
N PHE C 402 11.14 -5.68 14.29
CA PHE C 402 11.52 -5.90 12.89
C PHE C 402 11.54 -4.59 12.12
N LEU C 403 10.59 -3.70 12.39
CA LEU C 403 10.60 -2.40 11.73
C LEU C 403 11.79 -1.57 12.15
N PHE C 404 12.15 -1.60 13.43
CA PHE C 404 13.33 -0.87 13.89
C PHE C 404 14.59 -1.37 13.18
N ILE C 405 14.73 -2.69 13.08
CA ILE C 405 15.91 -3.26 12.45
C ILE C 405 15.95 -2.92 10.97
N GLY C 406 14.83 -3.09 10.27
CA GLY C 406 14.79 -2.75 8.86
C GLY C 406 15.02 -1.27 8.62
N VAL C 407 14.51 -0.42 9.51
CA VAL C 407 14.66 1.02 9.33
C VAL C 407 16.12 1.42 9.48
N VAL C 408 16.78 0.93 10.53
CA VAL C 408 18.19 1.25 10.72
C VAL C 408 19.01 0.71 9.54
N LEU C 409 18.73 -0.52 9.12
CA LEU C 409 19.48 -1.14 8.04
C LEU C 409 19.35 -0.36 6.74
N PHE C 410 18.12 -0.08 6.33
CA PHE C 410 17.91 0.57 5.04
C PHE C 410 18.23 2.05 5.08
N SER C 411 18.10 2.70 6.23
CA SER C 411 18.54 4.08 6.35
C SER C 411 20.05 4.19 6.23
N SER C 412 20.78 3.29 6.88
CA SER C 412 22.23 3.26 6.70
C SER C 412 22.60 3.00 5.26
N ALA C 413 21.95 2.01 4.64
CA ALA C 413 22.28 1.64 3.28
C ALA C 413 22.03 2.80 2.31
N VAL C 414 20.88 3.46 2.43
CA VAL C 414 20.57 4.53 1.49
C VAL C 414 21.41 5.76 1.77
N TYR C 415 21.76 6.02 3.04
CA TYR C 415 22.63 7.14 3.33
C TYR C 415 24.01 6.94 2.74
N PHE C 416 24.58 5.73 2.87
CA PHE C 416 25.91 5.49 2.32
C PHE C 416 25.88 5.32 0.81
N ALA C 417 24.75 4.95 0.23
CA ALA C 417 24.63 4.92 -1.22
C ALA C 417 24.56 6.32 -1.80
N GLU C 418 23.87 7.23 -1.11
CA GLU C 418 23.71 8.59 -1.62
C GLU C 418 24.85 9.52 -1.21
N ALA C 419 25.59 9.21 -0.16
CA ALA C 419 26.59 10.13 0.36
C ALA C 419 27.78 10.32 -0.57
N GLY C 420 27.98 9.43 -1.54
CA GLY C 420 29.11 9.58 -2.43
C GLY C 420 28.97 10.71 -3.43
N SER C 421 27.79 11.31 -3.53
CA SER C 421 27.53 12.33 -4.52
C SER C 421 27.46 13.71 -3.86
N GLU C 422 27.25 14.73 -4.68
CA GLU C 422 27.03 16.10 -4.20
C GLU C 422 25.54 16.37 -4.10
N ASN C 423 25.18 17.26 -3.18
CA ASN C 423 23.79 17.56 -2.88
C ASN C 423 23.03 16.29 -2.53
N SER C 424 23.56 15.58 -1.53
CA SER C 424 22.97 14.31 -1.11
C SER C 424 21.55 14.52 -0.62
N PHE C 425 20.68 13.56 -0.93
CA PHE C 425 19.28 13.67 -0.53
C PHE C 425 19.14 13.61 0.98
N PHE C 426 19.83 12.67 1.62
CA PHE C 426 19.77 12.48 3.06
C PHE C 426 21.02 13.05 3.71
N LYS C 427 20.82 13.78 4.80
CA LYS C 427 21.92 14.46 5.47
C LYS C 427 22.57 13.59 6.53
N SER C 428 21.84 12.63 7.07
CA SER C 428 22.36 11.69 8.06
C SER C 428 21.56 10.41 7.96
N ILE C 429 21.94 9.42 8.76
CA ILE C 429 21.19 8.17 8.82
C ILE C 429 19.86 8.42 9.53
N PRO C 430 19.79 9.23 10.59
CA PRO C 430 18.47 9.62 11.11
C PRO C 430 17.62 10.38 10.11
N ASP C 431 18.23 11.09 9.16
CA ASP C 431 17.45 11.81 8.17
C ASP C 431 16.74 10.89 7.20
N ALA C 432 17.15 9.62 7.12
CA ALA C 432 16.52 8.63 6.26
C ALA C 432 15.57 7.72 7.02
N PHE C 433 15.38 7.94 8.32
CA PHE C 433 14.50 7.09 9.10
C PHE C 433 13.06 7.19 8.61
N TRP C 434 12.61 8.41 8.33
CA TRP C 434 11.25 8.62 7.83
C TRP C 434 11.06 7.95 6.48
N TRP C 435 12.02 8.15 5.58
CA TRP C 435 11.97 7.51 4.27
C TRP C 435 11.87 6.00 4.40
N ALA C 436 12.68 5.41 5.27
CA ALA C 436 12.66 3.96 5.43
C ALA C 436 11.32 3.49 5.99
N VAL C 437 10.75 4.24 6.94
CA VAL C 437 9.46 3.86 7.51
C VAL C 437 8.38 3.86 6.44
N VAL C 438 8.30 4.96 5.67
CA VAL C 438 7.23 5.07 4.68
C VAL C 438 7.46 4.20 3.45
N THR C 439 8.69 3.73 3.24
CA THR C 439 8.89 2.78 2.15
C THR C 439 8.60 1.36 2.60
N MET C 440 8.94 1.00 3.83
CA MET C 440 8.64 -0.34 4.31
C MET C 440 7.15 -0.53 4.55
N THR C 441 6.45 0.52 4.98
CA THR C 441 5.01 0.41 5.14
C THR C 441 4.25 0.62 3.85
N THR C 442 4.95 0.92 2.75
CA THR C 442 4.38 1.21 1.44
C THR C 442 3.47 2.43 1.45
N VAL C 443 3.56 3.26 2.48
CA VAL C 443 2.86 4.54 2.45
C VAL C 443 3.44 5.42 1.36
N GLY C 444 4.74 5.34 1.14
CA GLY C 444 5.34 6.09 0.07
C GLY C 444 5.92 7.40 0.57
N TYR C 445 7.05 7.78 -0.02
CA TYR C 445 7.79 8.96 0.40
C TYR C 445 7.39 10.21 -0.37
N GLY C 446 7.13 10.08 -1.65
CA GLY C 446 6.92 11.24 -2.49
C GLY C 446 7.93 11.30 -3.61
N ASP C 447 8.61 12.43 -3.76
CA ASP C 447 9.53 12.64 -4.86
C ASP C 447 10.91 12.08 -4.49
N MET C 448 11.32 11.02 -5.18
CA MET C 448 12.64 10.43 -5.03
C MET C 448 13.51 10.67 -6.25
N THR C 449 13.32 11.80 -6.93
CA THR C 449 14.06 12.12 -8.15
C THR C 449 15.52 12.46 -7.89
N PRO C 450 15.87 13.17 -6.80
CA PRO C 450 17.31 13.45 -6.56
C PRO C 450 18.10 12.25 -6.08
N VAL C 451 17.56 11.05 -6.21
CA VAL C 451 18.22 9.84 -5.74
C VAL C 451 18.84 9.12 -6.92
N GLY C 452 19.98 8.46 -6.68
CA GLY C 452 20.74 7.81 -7.72
C GLY C 452 20.41 6.34 -7.85
N VAL C 453 21.25 5.65 -8.65
CA VAL C 453 20.98 4.26 -8.99
C VAL C 453 21.08 3.37 -7.77
N TRP C 454 22.11 3.55 -6.96
CA TRP C 454 22.28 2.73 -5.77
C TRP C 454 21.21 3.04 -4.73
N GLY C 455 20.84 4.32 -4.62
CA GLY C 455 19.73 4.68 -3.75
C GLY C 455 18.44 4.01 -4.16
N LYS C 456 18.20 3.89 -5.47
CA LYS C 456 16.99 3.24 -5.94
C LYS C 456 17.05 1.72 -5.81
N ILE C 457 18.23 1.13 -5.93
CA ILE C 457 18.37 -0.30 -5.65
C ILE C 457 18.08 -0.58 -4.17
N VAL C 458 18.63 0.24 -3.28
CA VAL C 458 18.34 0.12 -1.86
C VAL C 458 16.86 0.34 -1.60
N GLY C 459 16.23 1.27 -2.32
CA GLY C 459 14.82 1.51 -2.12
C GLY C 459 13.94 0.36 -2.58
N SER C 460 14.34 -0.29 -3.67
CA SER C 460 13.62 -1.48 -4.12
C SER C 460 13.69 -2.59 -3.07
N LEU C 461 14.91 -2.85 -2.58
CA LEU C 461 15.06 -3.83 -1.52
C LEU C 461 14.26 -3.45 -0.29
N CYS C 462 14.22 -2.15 0.03
CA CYS C 462 13.47 -1.68 1.19
C CYS C 462 11.98 -1.93 1.02
N ALA C 463 11.44 -1.66 -0.16
CA ALA C 463 10.03 -1.94 -0.43
C ALA C 463 9.71 -3.42 -0.23
N ILE C 464 10.53 -4.29 -0.81
CA ILE C 464 10.27 -5.73 -0.70
C ILE C 464 10.35 -6.19 0.74
N ALA C 465 11.45 -5.84 1.42
CA ALA C 465 11.65 -6.27 2.80
C ALA C 465 10.57 -5.71 3.71
N GLY C 466 10.10 -4.50 3.44
CA GLY C 466 9.02 -3.96 4.25
C GLY C 466 7.74 -4.72 4.08
N VAL C 467 7.38 -5.04 2.84
CA VAL C 467 6.21 -5.88 2.59
C VAL C 467 6.30 -7.12 3.46
N LEU C 468 7.43 -7.83 3.38
CA LEU C 468 7.57 -9.08 4.13
C LEU C 468 7.45 -8.86 5.64
N THR C 469 8.18 -7.87 6.18
CA THR C 469 8.26 -7.74 7.63
C THR C 469 6.96 -7.22 8.23
N ILE C 470 6.19 -6.42 7.49
CA ILE C 470 4.88 -6.04 8.01
C ILE C 470 3.89 -7.16 7.76
N ALA C 471 4.25 -8.12 6.91
CA ALA C 471 3.34 -9.23 6.67
C ALA C 471 3.56 -10.39 7.65
N LEU C 472 4.68 -10.43 8.39
CA LEU C 472 4.91 -11.61 9.21
C LEU C 472 4.18 -11.57 10.55
N PRO C 473 4.34 -10.55 11.41
CA PRO C 473 3.60 -10.57 12.68
C PRO C 473 2.09 -10.38 12.54
N VAL C 474 1.62 -9.72 11.50
CA VAL C 474 0.22 -9.26 11.48
C VAL C 474 -0.80 -10.39 11.45
N PRO C 475 -0.59 -11.49 10.74
CA PRO C 475 -1.58 -12.58 10.79
C PRO C 475 -1.89 -13.09 12.18
N VAL C 476 -0.93 -13.05 13.11
CA VAL C 476 -1.20 -13.55 14.45
C VAL C 476 -2.12 -12.61 15.20
N ILE C 477 -1.89 -11.31 15.07
CA ILE C 477 -2.79 -10.32 15.65
C ILE C 477 -4.18 -10.43 15.05
N VAL C 478 -4.25 -10.66 13.74
CA VAL C 478 -5.55 -10.79 13.07
C VAL C 478 -6.27 -12.03 13.57
N SER C 479 -5.55 -13.13 13.76
CA SER C 479 -6.17 -14.34 14.28
C SER C 479 -6.67 -14.15 15.69
N ASN C 480 -5.91 -13.43 16.53
CA ASN C 480 -6.39 -13.12 17.87
C ASN C 480 -7.65 -12.27 17.84
N PHE C 481 -7.68 -11.26 16.98
CA PHE C 481 -8.87 -10.43 16.88
C PHE C 481 -10.07 -11.26 16.45
N ASN C 482 -9.90 -12.12 15.45
CA ASN C 482 -11.02 -12.93 14.99
C ASN C 482 -11.49 -13.89 16.08
N TYR C 483 -10.55 -14.43 16.87
CA TYR C 483 -10.91 -15.29 17.97
C TYR C 483 -11.78 -14.56 18.98
N PHE C 484 -11.34 -13.38 19.42
CA PHE C 484 -12.11 -12.64 20.42
C PHE C 484 -13.44 -12.18 19.86
N TYR C 485 -13.46 -11.75 18.60
CA TYR C 485 -14.68 -11.27 17.97
C TYR C 485 -15.73 -12.37 17.90
N HIS C 486 -15.34 -13.56 17.43
CA HIS C 486 -16.30 -14.64 17.31
C HIS C 486 -16.64 -15.27 18.66
N ARG C 487 -15.73 -15.17 19.64
CA ARG C 487 -16.07 -15.59 20.98
C ARG C 487 -17.15 -14.70 21.58
N GLU C 488 -17.04 -13.39 21.36
CA GLU C 488 -18.10 -12.47 21.79
C GLU C 488 -19.40 -12.78 21.06
N THR C 489 -19.38 -12.72 19.74
CA THR C 489 -20.57 -13.06 18.96
C THR C 489 -20.60 -14.54 18.62
N ALA D 226 -34.36 -14.55 -25.46
CA ALA D 226 -34.27 -14.51 -24.00
C ALA D 226 -32.83 -14.36 -23.56
N ARG D 227 -31.90 -14.77 -24.43
CA ARG D 227 -30.50 -14.46 -24.19
C ARG D 227 -30.06 -13.29 -25.05
N VAL D 228 -30.65 -13.13 -26.23
CA VAL D 228 -30.40 -11.95 -27.03
C VAL D 228 -30.91 -10.71 -26.30
N VAL D 229 -32.02 -10.83 -25.58
CA VAL D 229 -32.53 -9.69 -24.83
C VAL D 229 -31.60 -9.33 -23.70
N ALA D 230 -30.99 -10.34 -23.06
CA ALA D 230 -30.02 -10.08 -22.00
C ALA D 230 -28.78 -9.40 -22.55
N ILE D 231 -28.32 -9.83 -23.74
CA ILE D 231 -27.12 -9.22 -24.29
C ILE D 231 -27.41 -7.80 -24.78
N ILE D 232 -28.63 -7.55 -25.27
CA ILE D 232 -29.02 -6.18 -25.61
C ILE D 232 -29.06 -5.32 -24.36
N SER D 233 -29.58 -5.85 -23.26
CA SER D 233 -29.64 -5.08 -22.02
C SER D 233 -28.25 -4.74 -21.52
N VAL D 234 -27.32 -5.69 -21.57
CA VAL D 234 -25.97 -5.40 -21.13
C VAL D 234 -25.31 -4.37 -22.04
N PHE D 235 -25.53 -4.48 -23.35
CA PHE D 235 -24.96 -3.51 -24.27
C PHE D 235 -25.52 -2.12 -24.04
N VAL D 236 -26.81 -2.02 -23.72
CA VAL D 236 -27.44 -0.72 -23.48
C VAL D 236 -26.93 -0.12 -22.17
N ILE D 237 -26.76 -0.94 -21.13
CA ILE D 237 -26.21 -0.41 -19.88
C ILE D 237 -24.79 0.09 -20.09
N LEU D 238 -23.97 -0.68 -20.80
CA LEU D 238 -22.61 -0.24 -21.06
C LEU D 238 -22.58 1.02 -21.91
N LEU D 239 -23.48 1.12 -22.89
CA LEU D 239 -23.56 2.32 -23.71
C LEU D 239 -23.95 3.54 -22.89
N SER D 240 -24.87 3.38 -21.95
CA SER D 240 -25.25 4.50 -21.11
C SER D 240 -24.10 4.93 -20.20
N ILE D 241 -23.33 3.96 -19.68
CA ILE D 241 -22.15 4.31 -18.87
C ILE D 241 -21.15 5.09 -19.71
N VAL D 242 -20.88 4.62 -20.93
CA VAL D 242 -19.95 5.31 -21.81
C VAL D 242 -20.45 6.70 -22.13
N ILE D 243 -21.75 6.87 -22.32
CA ILE D 243 -22.29 8.17 -22.69
C ILE D 243 -22.18 9.15 -21.52
N PHE D 244 -22.47 8.68 -20.32
CA PHE D 244 -22.20 9.44 -19.10
C PHE D 244 -20.77 9.98 -19.09
N CYS D 245 -19.80 9.05 -19.13
CA CYS D 245 -18.40 9.43 -19.02
C CYS D 245 -17.96 10.34 -20.15
N LEU D 246 -18.49 10.13 -21.36
CA LEU D 246 -18.07 10.96 -22.49
C LEU D 246 -18.70 12.34 -22.46
N GLU D 247 -19.96 12.44 -22.04
CA GLU D 247 -20.54 13.78 -21.98
C GLU D 247 -19.90 14.61 -20.89
N THR D 248 -19.17 14.00 -19.95
CA THR D 248 -18.37 14.88 -19.11
C THR D 248 -17.08 15.37 -19.78
N LEU D 249 -16.70 14.84 -20.94
CA LEU D 249 -15.44 15.23 -21.56
C LEU D 249 -15.51 16.67 -22.07
N PRO D 250 -14.39 17.39 -22.06
CA PRO D 250 -14.42 18.80 -22.50
C PRO D 250 -14.61 18.99 -23.99
N GLU D 251 -14.38 17.96 -24.81
CA GLU D 251 -14.63 18.10 -26.24
C GLU D 251 -16.11 18.24 -26.53
N PHE D 252 -16.96 17.75 -25.63
CA PHE D 252 -18.40 17.74 -25.84
C PHE D 252 -19.11 18.63 -24.83
N ASP D 277 -27.21 16.89 -28.63
CA ASP D 277 -28.30 16.02 -29.06
C ASP D 277 -27.85 14.56 -29.29
N PRO D 278 -26.75 14.32 -30.06
CA PRO D 278 -26.32 12.93 -30.27
C PRO D 278 -26.05 12.20 -28.96
N PHE D 279 -25.67 12.93 -27.91
CA PHE D 279 -25.62 12.33 -26.58
C PHE D 279 -26.98 12.30 -25.91
N PHE D 280 -27.82 13.32 -26.10
CA PHE D 280 -29.13 13.30 -25.48
C PHE D 280 -30.07 12.33 -26.18
N LEU D 281 -29.90 12.12 -27.49
CA LEU D 281 -30.74 11.12 -28.16
C LEU D 281 -30.33 9.71 -27.76
N ILE D 282 -29.03 9.43 -27.70
CA ILE D 282 -28.60 8.13 -27.19
C ILE D 282 -29.05 7.95 -25.75
N GLU D 283 -28.99 9.01 -24.96
CA GLU D 283 -29.44 8.92 -23.57
C GLU D 283 -30.93 8.62 -23.48
N THR D 284 -31.74 9.29 -24.29
CA THR D 284 -33.18 9.05 -24.24
C THR D 284 -33.52 7.68 -24.80
N LEU D 285 -32.73 7.15 -25.74
CA LEU D 285 -32.96 5.79 -26.21
C LEU D 285 -32.64 4.77 -25.13
N CYS D 286 -31.51 4.94 -24.45
CA CYS D 286 -31.17 4.07 -23.34
C CYS D 286 -32.23 4.14 -22.24
N ILE D 287 -32.77 5.33 -21.98
CA ILE D 287 -33.79 5.46 -20.95
C ILE D 287 -35.12 4.87 -21.42
N ILE D 288 -35.43 4.97 -22.71
CA ILE D 288 -36.65 4.34 -23.22
C ILE D 288 -36.55 2.83 -23.05
N TRP D 289 -35.39 2.26 -23.35
CA TRP D 289 -35.20 0.83 -23.10
C TRP D 289 -35.27 0.50 -21.62
N PHE D 290 -34.64 1.32 -20.78
CA PHE D 290 -34.65 1.08 -19.34
C PHE D 290 -36.07 1.07 -18.80
N THR D 291 -36.88 2.06 -19.19
CA THR D 291 -38.23 2.15 -18.68
C THR D 291 -39.15 1.11 -19.32
N PHE D 292 -38.86 0.66 -20.55
CA PHE D 292 -39.63 -0.44 -21.11
C PHE D 292 -39.36 -1.73 -20.36
N GLU D 293 -38.10 -2.03 -20.11
CA GLU D 293 -37.76 -3.20 -19.30
C GLU D 293 -38.38 -3.11 -17.91
N LEU D 294 -38.34 -1.91 -17.31
CA LEU D 294 -38.93 -1.73 -15.99
C LEU D 294 -40.43 -1.96 -15.99
N THR D 295 -41.14 -1.42 -16.98
CA THR D 295 -42.59 -1.53 -17.04
C THR D 295 -43.06 -2.86 -17.62
N VAL D 296 -42.14 -3.68 -18.13
CA VAL D 296 -42.44 -5.09 -18.38
C VAL D 296 -42.25 -5.92 -17.11
N ARG D 297 -41.19 -5.66 -16.36
CA ARG D 297 -40.99 -6.40 -15.12
C ARG D 297 -42.10 -6.10 -14.12
N PHE D 298 -42.51 -4.84 -14.01
CA PHE D 298 -43.59 -4.48 -13.12
C PHE D 298 -44.88 -4.24 -13.91
N ASP D 310 -37.55 -5.79 -4.11
CA ASP D 310 -36.13 -6.07 -3.89
C ASP D 310 -35.26 -4.89 -4.32
N VAL D 311 -33.96 -5.03 -4.12
CA VAL D 311 -33.05 -3.91 -4.35
C VAL D 311 -32.80 -3.69 -5.83
N MET D 312 -32.89 -4.73 -6.65
CA MET D 312 -32.63 -4.55 -8.08
C MET D 312 -33.74 -3.76 -8.75
N ASN D 313 -34.99 -3.92 -8.30
CA ASN D 313 -36.06 -3.07 -8.84
C ASN D 313 -35.89 -1.62 -8.39
N VAL D 314 -35.39 -1.41 -7.17
CA VAL D 314 -35.09 -0.06 -6.72
C VAL D 314 -33.99 0.55 -7.59
N ILE D 315 -32.99 -0.25 -7.98
CA ILE D 315 -31.95 0.24 -8.86
C ILE D 315 -32.53 0.59 -10.23
N ASP D 316 -33.40 -0.27 -10.76
CA ASP D 316 -34.06 0.02 -12.02
C ASP D 316 -34.88 1.30 -11.94
N ILE D 317 -35.45 1.59 -10.78
CA ILE D 317 -36.20 2.84 -10.61
C ILE D 317 -35.24 4.03 -10.61
N ILE D 318 -34.20 3.98 -9.79
CA ILE D 318 -33.24 5.06 -9.70
C ILE D 318 -32.52 5.30 -11.02
N ALA D 319 -32.50 4.31 -11.90
CA ALA D 319 -31.83 4.47 -13.18
C ALA D 319 -32.55 5.40 -14.15
N ILE D 320 -33.81 5.77 -13.88
CA ILE D 320 -34.55 6.67 -14.77
C ILE D 320 -35.08 7.90 -14.07
N ILE D 321 -35.11 7.91 -12.73
CA ILE D 321 -35.55 9.10 -12.00
C ILE D 321 -34.78 10.36 -12.40
N PRO D 322 -33.45 10.34 -12.56
CA PRO D 322 -32.78 11.57 -12.99
C PRO D 322 -33.22 12.07 -14.35
N TYR D 323 -33.28 11.19 -15.35
CA TYR D 323 -33.74 11.61 -16.67
C TYR D 323 -35.13 12.22 -16.59
N PHE D 324 -36.00 11.67 -15.74
CA PHE D 324 -37.34 12.23 -15.71
C PHE D 324 -37.44 13.47 -14.85
N ILE D 325 -36.50 13.70 -13.94
CA ILE D 325 -36.45 14.97 -13.23
C ILE D 325 -35.96 16.08 -14.14
N THR D 326 -34.93 15.82 -14.94
CA THR D 326 -34.40 16.86 -15.83
C THR D 326 -35.32 17.17 -17.00
N LEU D 327 -36.58 16.77 -16.95
CA LEU D 327 -37.56 17.13 -17.97
C LEU D 327 -38.83 17.67 -17.33
N SER D 357 -30.96 25.87 -7.04
CA SER D 357 -29.55 25.78 -6.71
C SER D 357 -28.86 24.71 -7.53
N LEU D 358 -27.59 24.94 -7.87
CA LEU D 358 -26.83 23.98 -8.66
C LEU D 358 -26.39 22.77 -7.85
N ALA D 359 -26.53 22.81 -6.52
CA ALA D 359 -26.17 21.65 -5.71
C ALA D 359 -27.07 20.47 -6.00
N ILE D 360 -28.39 20.70 -6.01
CA ILE D 360 -29.34 19.64 -6.34
C ILE D 360 -29.07 19.11 -7.75
N LEU D 361 -28.73 20.00 -8.67
CA LEU D 361 -28.48 19.58 -10.05
C LEU D 361 -27.26 18.68 -10.13
N ARG D 362 -26.16 19.04 -9.47
CA ARG D 362 -25.01 18.16 -9.44
C ARG D 362 -25.33 16.85 -8.72
N VAL D 363 -26.19 16.88 -7.70
CA VAL D 363 -26.50 15.65 -6.98
C VAL D 363 -27.27 14.68 -7.88
N ILE D 364 -28.23 15.19 -8.65
CA ILE D 364 -28.96 14.27 -9.53
C ILE D 364 -28.11 13.84 -10.72
N ARG D 365 -27.32 14.76 -11.27
CA ARG D 365 -26.40 14.37 -12.34
C ARG D 365 -25.37 13.38 -11.85
N LEU D 366 -25.10 13.34 -10.54
CA LEU D 366 -24.26 12.30 -9.98
C LEU D 366 -25.02 10.98 -9.86
N VAL D 367 -26.23 11.02 -9.29
CA VAL D 367 -26.99 9.78 -9.14
C VAL D 367 -27.38 9.17 -10.47
N ARG D 368 -27.13 9.87 -11.58
CA ARG D 368 -27.18 9.21 -12.88
C ARG D 368 -26.14 8.10 -13.02
N VAL D 369 -25.19 8.00 -12.09
CA VAL D 369 -24.15 6.96 -12.19
C VAL D 369 -24.65 5.61 -11.70
N PHE D 370 -25.81 5.57 -11.04
CA PHE D 370 -26.33 4.31 -10.54
C PHE D 370 -26.79 3.37 -11.64
N ARG D 371 -26.68 3.78 -12.90
CA ARG D 371 -26.91 2.87 -14.01
C ARG D 371 -25.88 1.75 -14.04
N ILE D 372 -24.70 1.96 -13.44
CA ILE D 372 -23.68 0.93 -13.43
C ILE D 372 -24.07 -0.24 -12.55
N PHE D 373 -24.97 -0.04 -11.60
CA PHE D 373 -25.46 -1.12 -10.75
C PHE D 373 -26.56 -1.93 -11.42
N LYS D 374 -27.05 -1.48 -12.58
CA LYS D 374 -27.96 -2.29 -13.37
C LYS D 374 -27.27 -3.52 -13.94
N LEU D 375 -25.95 -3.56 -13.93
CA LEU D 375 -25.20 -4.75 -14.29
C LEU D 375 -25.32 -5.85 -13.25
N SER D 376 -25.84 -5.54 -12.06
CA SER D 376 -26.00 -6.56 -11.03
C SER D 376 -26.96 -7.65 -11.47
N ARG D 377 -28.01 -7.30 -12.21
CA ARG D 377 -28.97 -8.31 -12.63
C ARG D 377 -28.35 -9.34 -13.56
N HIS D 378 -27.30 -8.97 -14.29
CA HIS D 378 -26.65 -9.86 -15.24
C HIS D 378 -25.36 -10.47 -14.70
N SER D 379 -24.63 -9.74 -13.88
CA SER D 379 -23.39 -10.24 -13.31
C SER D 379 -23.68 -10.99 -12.01
N LYS D 380 -23.21 -12.22 -11.93
CA LYS D 380 -23.37 -13.03 -10.73
C LYS D 380 -22.37 -12.67 -9.64
N GLY D 381 -21.16 -12.26 -10.03
CA GLY D 381 -20.18 -11.83 -9.05
C GLY D 381 -20.59 -10.56 -8.33
N LEU D 382 -21.34 -9.70 -9.00
CA LEU D 382 -21.78 -8.47 -8.37
C LEU D 382 -22.92 -8.73 -7.39
N GLN D 383 -23.77 -9.72 -7.67
CA GLN D 383 -24.76 -10.14 -6.69
C GLN D 383 -24.09 -10.83 -5.51
N ILE D 384 -23.03 -11.60 -5.74
CA ILE D 384 -22.27 -12.17 -4.64
C ILE D 384 -21.67 -11.06 -3.78
N LEU D 385 -21.16 -10.01 -4.42
CA LEU D 385 -20.62 -8.88 -3.67
C LEU D 385 -21.71 -8.18 -2.86
N GLY D 386 -22.91 -8.05 -3.42
CA GLY D 386 -24.01 -7.48 -2.66
C GLY D 386 -24.39 -8.33 -1.45
N ARG D 387 -24.47 -9.65 -1.64
CA ARG D 387 -24.75 -10.53 -0.51
C ARG D 387 -23.67 -10.45 0.55
N THR D 388 -22.41 -10.37 0.13
CA THR D 388 -21.30 -10.23 1.07
C THR D 388 -21.42 -8.93 1.86
N LEU D 389 -21.67 -7.82 1.17
CA LEU D 389 -21.81 -6.54 1.87
C LEU D 389 -22.97 -6.57 2.85
N LYS D 390 -24.07 -7.21 2.47
CA LYS D 390 -25.20 -7.31 3.37
C LYS D 390 -24.91 -8.20 4.57
N ALA D 391 -24.07 -9.21 4.39
CA ALA D 391 -23.78 -10.16 5.46
C ALA D 391 -22.66 -9.73 6.39
N SER D 392 -21.86 -8.74 6.00
CA SER D 392 -20.76 -8.25 6.81
C SER D 392 -20.95 -6.78 7.16
N MET D 393 -22.19 -6.41 7.49
CA MET D 393 -22.46 -5.03 7.87
C MET D 393 -21.81 -4.66 9.20
N ARG D 394 -21.83 -5.58 10.16
CA ARG D 394 -21.18 -5.31 11.44
C ARG D 394 -19.67 -5.10 11.25
N GLU D 395 -19.06 -5.88 10.36
CA GLU D 395 -17.62 -5.77 10.14
C GLU D 395 -17.27 -4.51 9.36
N LEU D 396 -18.11 -4.11 8.41
CA LEU D 396 -17.90 -2.84 7.73
C LEU D 396 -18.03 -1.67 8.70
N GLY D 397 -19.03 -1.73 9.58
CA GLY D 397 -19.16 -0.70 10.59
C GLY D 397 -17.98 -0.68 11.55
N LEU D 398 -17.46 -1.85 11.90
CA LEU D 398 -16.30 -1.91 12.78
C LEU D 398 -15.06 -1.34 12.11
N LEU D 399 -14.88 -1.62 10.81
CA LEU D 399 -13.78 -1.03 10.06
C LEU D 399 -13.89 0.48 10.04
N ILE D 400 -15.08 1.00 9.73
CA ILE D 400 -15.26 2.46 9.70
C ILE D 400 -15.06 3.07 11.08
N PHE D 401 -15.48 2.37 12.13
CA PHE D 401 -15.31 2.87 13.49
C PHE D 401 -13.84 2.93 13.90
N PHE D 402 -13.10 1.85 13.62
CA PHE D 402 -11.67 1.85 13.93
C PHE D 402 -10.94 2.93 13.15
N LEU D 403 -11.32 3.14 11.89
CA LEU D 403 -10.70 4.20 11.11
C LEU D 403 -11.05 5.57 11.66
N PHE D 404 -12.29 5.78 12.08
CA PHE D 404 -12.67 7.05 12.69
C PHE D 404 -11.85 7.33 13.94
N ILE D 405 -11.69 6.32 14.79
CA ILE D 405 -10.95 6.50 16.03
C ILE D 405 -9.48 6.77 15.74
N GLY D 406 -8.87 5.98 14.85
CA GLY D 406 -7.48 6.22 14.50
C GLY D 406 -7.27 7.56 13.84
N VAL D 407 -8.22 7.99 13.02
CA VAL D 407 -8.08 9.27 12.32
C VAL D 407 -8.13 10.42 13.31
N VAL D 408 -9.10 10.41 14.22
CA VAL D 408 -9.18 11.47 15.22
C VAL D 408 -7.92 11.47 16.09
N LEU D 409 -7.48 10.27 16.51
CA LEU D 409 -6.32 10.17 17.38
C LEU D 409 -5.07 10.72 16.72
N PHE D 410 -4.76 10.24 15.51
CA PHE D 410 -3.52 10.64 14.87
C PHE D 410 -3.59 12.04 14.29
N SER D 411 -4.77 12.53 13.93
CA SER D 411 -4.89 13.92 13.52
C SER D 411 -4.65 14.86 14.70
N SER D 412 -5.20 14.54 15.86
CA SER D 412 -4.91 15.33 17.05
C SER D 412 -3.43 15.29 17.37
N ALA D 413 -2.83 14.09 17.34
CA ALA D 413 -1.43 13.94 17.70
C ALA D 413 -0.53 14.75 16.76
N VAL D 414 -0.78 14.65 15.45
CA VAL D 414 0.11 15.33 14.51
C VAL D 414 -0.15 16.83 14.54
N TYR D 415 -1.39 17.27 14.79
CA TYR D 415 -1.65 18.70 14.91
C TYR D 415 -0.93 19.29 16.10
N PHE D 416 -0.97 18.61 17.26
CA PHE D 416 -0.31 19.15 18.44
C PHE D 416 1.20 18.97 18.38
N ALA D 417 1.69 18.01 17.61
CA ALA D 417 3.13 17.88 17.39
C ALA D 417 3.65 19.00 16.50
N GLU D 418 2.88 19.38 15.48
CA GLU D 418 3.32 20.40 14.54
C GLU D 418 2.99 21.82 14.99
N ALA D 419 2.01 22.00 15.87
CA ALA D 419 1.55 23.33 16.22
C ALA D 419 2.57 24.14 17.01
N GLY D 420 3.58 23.49 17.59
CA GLY D 420 4.56 24.23 18.35
C GLY D 420 5.51 25.07 17.52
N SER D 421 5.48 24.89 16.20
CA SER D 421 6.42 25.58 15.33
C SER D 421 5.71 26.70 14.55
N GLU D 422 6.47 27.41 13.73
CA GLU D 422 5.93 28.42 12.84
C GLU D 422 5.70 27.81 11.46
N ASN D 423 4.72 28.36 10.74
CA ASN D 423 4.29 27.84 9.45
C ASN D 423 3.91 26.36 9.58
N SER D 424 2.99 26.09 10.49
CA SER D 424 2.57 24.72 10.76
C SER D 424 1.95 24.11 9.52
N PHE D 425 2.22 22.82 9.32
CA PHE D 425 1.70 22.13 8.14
C PHE D 425 0.18 22.03 8.19
N PHE D 426 -0.36 21.65 9.34
CA PHE D 426 -1.79 21.49 9.53
C PHE D 426 -2.35 22.68 10.29
N LYS D 427 -3.48 23.19 9.81
CA LYS D 427 -4.08 24.39 10.40
C LYS D 427 -5.06 24.05 11.52
N SER D 428 -5.62 22.85 11.50
CA SER D 428 -6.53 22.40 12.55
C SER D 428 -6.45 20.88 12.60
N ILE D 429 -7.18 20.29 13.54
CA ILE D 429 -7.26 18.84 13.63
C ILE D 429 -8.09 18.31 12.46
N PRO D 430 -9.19 18.97 12.04
CA PRO D 430 -9.83 18.56 10.79
C PRO D 430 -8.92 18.69 9.57
N ASP D 431 -7.96 19.59 9.58
CA ASP D 431 -7.06 19.74 8.45
C ASP D 431 -6.12 18.56 8.30
N ALA D 432 -5.97 17.74 9.34
CA ALA D 432 -5.13 16.54 9.30
C ALA D 432 -5.93 15.27 9.10
N PHE D 433 -7.26 15.38 8.93
CA PHE D 433 -8.08 14.19 8.76
C PHE D 433 -7.71 13.46 7.47
N TRP D 434 -7.52 14.21 6.39
CA TRP D 434 -7.14 13.60 5.11
C TRP D 434 -5.79 12.92 5.21
N TRP D 435 -4.81 13.60 5.81
CA TRP D 435 -3.49 13.02 6.01
C TRP D 435 -3.58 11.72 6.79
N ALA D 436 -4.36 11.70 7.86
CA ALA D 436 -4.47 10.49 8.67
C ALA D 436 -5.13 9.37 7.89
N VAL D 437 -6.15 9.69 7.08
CA VAL D 437 -6.80 8.66 6.28
C VAL D 437 -5.83 8.03 5.30
N VAL D 438 -5.11 8.87 4.54
CA VAL D 438 -4.22 8.34 3.52
C VAL D 438 -2.95 7.74 4.09
N THR D 439 -2.62 8.03 5.34
CA THR D 439 -1.48 7.34 5.95
C THR D 439 -1.90 6.01 6.54
N MET D 440 -3.09 5.93 7.14
CA MET D 440 -3.55 4.66 7.68
C MET D 440 -3.91 3.67 6.58
N THR D 441 -4.43 4.15 5.46
CA THR D 441 -4.71 3.26 4.35
C THR D 441 -3.49 2.98 3.49
N THR D 442 -2.35 3.60 3.80
CA THR D 442 -1.10 3.49 3.05
C THR D 442 -1.24 3.99 1.62
N VAL D 443 -2.28 4.76 1.31
CA VAL D 443 -2.35 5.41 0.02
C VAL D 443 -1.25 6.44 -0.10
N GLY D 444 -0.92 7.10 1.00
CA GLY D 444 0.18 8.04 0.98
C GLY D 444 -0.30 9.46 0.76
N TYR D 445 0.35 10.40 1.43
CA TYR D 445 -0.05 11.79 1.41
C TYR D 445 0.65 12.59 0.31
N GLY D 446 1.91 12.31 0.06
CA GLY D 446 2.68 13.13 -0.84
C GLY D 446 3.88 13.73 -0.14
N ASP D 447 4.06 15.04 -0.23
CA ASP D 447 5.22 15.71 0.32
C ASP D 447 4.99 16.03 1.79
N MET D 448 5.74 15.37 2.67
CA MET D 448 5.73 15.63 4.10
C MET D 448 7.01 16.29 4.57
N THR D 449 7.63 17.10 3.72
CA THR D 449 8.90 17.76 4.04
C THR D 449 8.75 18.87 5.08
N PRO D 450 7.66 19.68 5.07
CA PRO D 450 7.54 20.72 6.11
C PRO D 450 7.17 20.18 7.48
N VAL D 451 7.29 18.89 7.70
CA VAL D 451 6.92 18.27 8.96
C VAL D 451 8.18 17.99 9.77
N GLY D 452 8.06 18.10 11.09
CA GLY D 452 9.19 17.96 11.99
C GLY D 452 9.33 16.56 12.54
N VAL D 453 10.22 16.45 13.54
CA VAL D 453 10.58 15.14 14.07
C VAL D 453 9.40 14.48 14.77
N TRP D 454 8.68 15.23 15.58
CA TRP D 454 7.54 14.66 16.29
C TRP D 454 6.40 14.35 15.32
N GLY D 455 6.22 15.19 14.31
CA GLY D 455 5.24 14.88 13.27
C GLY D 455 5.57 13.59 12.55
N LYS D 456 6.86 13.34 12.31
CA LYS D 456 7.25 12.11 11.63
C LYS D 456 7.17 10.89 12.55
N ILE D 457 7.40 11.07 13.84
CA ILE D 457 7.18 9.97 14.78
C ILE D 457 5.70 9.60 14.83
N VAL D 458 4.84 10.61 14.90
CA VAL D 458 3.40 10.37 14.86
C VAL D 458 3.00 9.72 13.54
N GLY D 459 3.63 10.13 12.44
CA GLY D 459 3.31 9.54 11.16
C GLY D 459 3.73 8.09 11.04
N SER D 460 4.87 7.74 11.63
CA SER D 460 5.30 6.35 11.67
C SER D 460 4.30 5.50 12.45
N LEU D 461 3.92 5.97 13.63
CA LEU D 461 2.91 5.26 14.41
C LEU D 461 1.60 5.16 13.64
N CYS D 462 1.24 6.22 12.90
CA CYS D 462 0.01 6.20 12.13
C CYS D 462 0.06 5.16 11.03
N ALA D 463 1.18 5.05 10.33
CA ALA D 463 1.34 4.03 9.30
C ALA D 463 1.16 2.63 9.89
N ILE D 464 1.84 2.36 11.00
CA ILE D 464 1.76 1.02 11.60
C ILE D 464 0.35 0.72 12.06
N ALA D 465 -0.25 1.63 12.83
CA ALA D 465 -1.59 1.42 13.35
C ALA D 465 -2.61 1.29 12.23
N GLY D 466 -2.42 2.03 11.14
CA GLY D 466 -3.33 1.89 10.02
C GLY D 466 -3.25 0.53 9.38
N VAL D 467 -2.04 0.03 9.15
CA VAL D 467 -1.86 -1.33 8.64
C VAL D 467 -2.68 -2.28 9.49
N LEU D 468 -2.47 -2.23 10.81
CA LEU D 468 -3.17 -3.17 11.69
C LEU D 468 -4.69 -3.02 11.60
N THR D 469 -5.19 -1.79 11.70
CA THR D 469 -6.64 -1.61 11.81
C THR D 469 -7.37 -1.90 10.51
N ILE D 470 -6.72 -1.68 9.36
CA ILE D 470 -7.36 -2.09 8.12
C ILE D 470 -7.16 -3.58 7.90
N ALA D 471 -6.25 -4.19 8.67
CA ALA D 471 -6.06 -5.62 8.52
C ALA D 471 -6.97 -6.44 9.44
N LEU D 472 -7.60 -5.83 10.44
CA LEU D 472 -8.37 -6.65 11.37
C LEU D 472 -9.77 -7.01 10.87
N PRO D 473 -10.64 -6.05 10.50
CA PRO D 473 -11.97 -6.45 10.02
C PRO D 473 -11.97 -7.16 8.66
N VAL D 474 -10.98 -6.90 7.81
CA VAL D 474 -11.10 -7.29 6.40
C VAL D 474 -11.13 -8.80 6.19
N PRO D 475 -10.35 -9.62 6.91
CA PRO D 475 -10.46 -11.07 6.72
C PRO D 475 -11.86 -11.64 6.88
N VAL D 476 -12.70 -11.05 7.73
CA VAL D 476 -14.04 -11.60 7.90
C VAL D 476 -14.89 -11.33 6.68
N ILE D 477 -14.78 -10.11 6.13
CA ILE D 477 -15.48 -9.79 4.89
C ILE D 477 -14.99 -10.67 3.75
N VAL D 478 -13.68 -10.94 3.71
CA VAL D 478 -13.13 -11.78 2.66
C VAL D 478 -13.64 -13.20 2.80
N SER D 479 -13.73 -13.70 4.03
CA SER D 479 -14.26 -15.04 4.24
C SER D 479 -15.72 -15.14 3.84
N ASN D 480 -16.51 -14.10 4.14
CA ASN D 480 -17.90 -14.08 3.69
C ASN D 480 -18.00 -14.10 2.18
N PHE D 481 -17.17 -13.30 1.51
CA PHE D 481 -17.20 -13.29 0.05
C PHE D 481 -16.86 -14.65 -0.51
N ASN D 482 -15.82 -15.29 0.02
CA ASN D 482 -15.43 -16.60 -0.47
C ASN D 482 -16.52 -17.62 -0.23
N TYR D 483 -17.20 -17.52 0.92
CA TYR D 483 -18.31 -18.42 1.21
C TYR D 483 -19.41 -18.29 0.16
N PHE D 484 -19.85 -17.05 -0.10
CA PHE D 484 -20.94 -16.86 -1.05
C PHE D 484 -20.51 -17.24 -2.47
N TYR D 485 -19.27 -16.91 -2.82
CA TYR D 485 -18.76 -17.22 -4.16
C TYR D 485 -18.74 -18.71 -4.41
N HIS D 486 -18.19 -19.49 -3.46
CA HIS D 486 -18.13 -20.93 -3.66
C HIS D 486 -19.47 -21.60 -3.46
N ARG D 487 -20.37 -21.00 -2.68
CA ARG D 487 -21.73 -21.51 -2.61
C ARG D 487 -22.45 -21.37 -3.95
N GLU D 488 -22.26 -20.23 -4.61
CA GLU D 488 -22.81 -20.05 -5.95
C GLU D 488 -22.19 -21.05 -6.92
N THR D 489 -20.87 -21.02 -7.05
CA THR D 489 -20.18 -21.98 -7.91
C THR D 489 -19.79 -23.23 -7.13
C1 POV E . 19.60 -19.07 14.16
C2 POV E . 19.24 -18.70 12.70
C3 POV E . 20.32 -19.20 11.73
C21 POV E . 19.98 -16.33 12.90
O21 POV E . 19.01 -17.30 12.53
C22 POV E . 19.52 -14.85 13.02
O22 POV E . 21.11 -16.61 13.14
C23 POV E . 20.46 -13.96 12.18
C24 POV E . 19.69 -13.38 11.00
C25 POV E . 18.68 -12.36 11.51
C26 POV E . 17.82 -11.84 10.36
C27 POV E . 18.69 -11.64 9.08
C28 POV E . 17.97 -10.67 8.08
C29 POV E . 17.00 -9.71 8.83
C31 POV E . 20.35 -18.81 9.35
O31 POV E . 19.72 -19.48 10.46
C32 POV E . 20.20 -17.29 9.16
O32 POV E . 20.98 -19.45 8.58
C33 POV E . 19.91 -17.03 7.65
C34 POV E . 19.72 -15.53 7.41
C35 POV E . 20.95 -14.78 7.93
C31 POV F . 13.79 -18.54 -8.79
C32 POV F . 15.08 -18.04 -9.49
C33 POV F . 15.88 -17.14 -8.52
C34 POV F . 16.16 -15.79 -9.17
C35 POV F . 16.47 -14.75 -8.07
C36 POV F . 18.02 -14.59 -7.94
C32 POV G . 16.91 -20.72 -5.03
C33 POV G . 17.26 -19.69 -3.93
C34 POV G . 17.55 -18.34 -4.58
C35 POV G . 18.02 -17.34 -3.50
C36 POV G . 17.17 -16.04 -3.61
C37 POV G . 17.36 -15.18 -2.31
C38 POV G . 16.96 -13.71 -2.60
C39 POV G . 16.68 -12.97 -1.27
C310 POV H . 16.85 -11.14 -10.99
C311 POV H . 17.61 -9.81 -10.79
C312 POV H . 16.84 -8.90 -9.81
C31 POV H . 16.04 -21.12 -14.00
C32 POV H . 15.47 -19.92 -14.79
C33 POV H . 15.59 -18.64 -13.92
C34 POV H . 16.48 -17.61 -14.64
C35 POV H . 16.99 -16.57 -13.62
C36 POV H . 16.55 -15.16 -14.09
C37 POV H . 17.51 -14.07 -13.48
C38 POV H . 16.75 -13.25 -12.38
C39 POV H . 17.55 -11.96 -12.09
C3 POV I . 2.45 1.29 -27.48
C31 POV I . 1.01 0.06 -26.01
O31 POV I . 1.93 1.15 -26.14
C32 POV I . 1.12 -0.90 -24.79
O32 POV I . 0.18 -0.12 -26.83
C33 POV I . -0.30 -1.09 -24.17
C34 POV I . -0.59 -2.59 -24.04
C35 POV I . -0.32 -3.03 -22.58
C36 POV I . 0.70 -4.21 -22.55
C37 POV I . 1.48 -4.18 -21.18
C38 POV I . 1.32 -5.53 -20.42
C310 POV J . 21.60 4.99 24.49
C311 POV J . 22.03 3.53 24.72
C312 POV J . 20.78 2.64 24.94
C33 POV J . 27.15 11.00 23.36
C34 POV J . 25.92 10.09 23.28
C35 POV J . 26.00 9.01 24.38
C36 POV J . 24.92 7.91 24.12
C37 POV J . 23.56 8.35 24.80
C38 POV J . 22.41 7.38 24.35
C39 POV J . 22.78 5.93 24.76
C31 POV K . 18.40 11.79 16.48
C32 POV K . 19.14 10.62 17.18
C33 POV K . 18.37 9.29 16.95
C34 POV K . 19.38 8.13 16.84
C35 POV K . 18.76 6.85 17.44
C36 POV K . 19.33 5.61 16.71
C37 POV K . 18.42 4.37 17.00
K K L . 1.45 4.55 -1.49
K K M . 0.39 1.23 -0.40
C210 POV N . -9.45 -0.06 -14.77
C211 POV N . -10.96 0.16 -15.06
C21 POV N . -8.07 8.78 -19.83
O21 POV N . -8.89 7.88 -20.55
C22 POV N . -7.00 8.21 -18.84
O22 POV N . -8.19 9.96 -19.97
C23 POV N . -7.19 6.70 -18.65
C24 POV N . -6.57 6.26 -17.32
C25 POV N . -6.37 4.75 -17.29
C26 POV N . -7.71 4.03 -17.18
C27 POV N . -7.68 3.10 -15.94
C28 POV N . -8.92 2.15 -15.91
C29 POV N . -8.54 0.84 -15.16
C1 POV O . 2.59 -24.38 -18.67
C2 POV O . 1.57 -23.25 -18.42
C3 POV O . 0.58 -23.14 -19.59
C21 POV O . 3.13 -21.43 -19.07
O21 POV O . 2.19 -21.99 -18.16
C22 POV O . 4.01 -20.24 -18.58
O22 POV O . 3.27 -21.82 -20.18
C23 POV O . 3.90 -19.07 -19.57
C24 POV O . 3.18 -17.89 -18.90
C25 POV O . 4.10 -17.31 -17.83
C26 POV O . 3.37 -16.20 -17.07
C27 POV O . 2.51 -15.34 -18.04
C28 POV O . 2.16 -13.96 -17.40
C29 POV O . 3.25 -13.56 -16.34
C31 POV O . -1.15 -21.49 -19.81
O31 POV O . -0.67 -22.65 -19.10
C32 POV O . -0.47 -20.11 -19.65
O32 POV O . -2.10 -21.59 -20.53
C33 POV O . -1.58 -19.04 -19.47
C34 POV O . -0.95 -17.66 -19.29
C35 POV O . -0.02 -17.38 -20.48
C31 POV P . -16.49 -10.86 -14.88
C32 POV P . -16.67 -10.10 -16.21
C33 POV P . -15.30 -9.93 -16.91
C34 POV P . -15.05 -8.45 -17.22
C35 POV P . -13.54 -8.21 -17.41
C36 POV P . -13.21 -8.21 -18.94
C32 POV Q . -14.35 -14.88 -17.69
C33 POV Q . -12.83 -14.65 -17.93
C34 POV Q . -12.59 -13.17 -18.25
C35 POV Q . -11.10 -12.97 -18.60
C36 POV Q . -10.53 -11.80 -17.74
C37 POV Q . -8.96 -11.84 -17.79
C38 POV Q . -8.41 -10.43 -17.39
C39 POV Q . -6.92 -10.57 -16.98
C310 POV R . -13.88 -3.60 -17.97
C311 POV R . -12.90 -2.64 -18.69
C312 POV R . -11.65 -2.42 -17.81
C31 POV R . -22.04 -10.13 -17.65
C32 POV R . -22.05 -8.67 -17.11
C33 POV R . -20.61 -8.11 -17.13
C34 POV R . -20.54 -6.90 -18.06
C35 POV R . -19.08 -6.63 -18.46
C36 POV R . -18.71 -5.18 -18.03
C37 POV R . -17.51 -4.65 -18.90
C38 POV R . -16.22 -4.56 -18.04
C39 POV R . -15.18 -3.68 -18.78
C3 POV S . -21.67 16.42 -4.84
C31 POV S . -21.28 14.62 -3.31
O31 POV S . -20.70 15.56 -4.22
C32 POV S . -20.81 13.14 -3.33
O32 POV S . -22.13 14.96 -2.56
C33 POV S . -20.52 12.68 -1.87
C34 POV S . -21.28 11.37 -1.60
C35 POV S . -20.31 10.18 -1.74
C36 POV S . -20.86 9.16 -2.78
C37 POV S . -19.65 8.39 -3.44
C38 POV S . -19.80 6.85 -3.24
C310 POV T . 24.78 -10.34 -19.24
C311 POV T . 24.19 -11.70 -19.69
C312 POV T . 23.76 -12.51 -18.44
C33 POV T . 27.70 -4.94 -24.75
C34 POV T . 27.02 -5.59 -23.55
C35 POV T . 27.31 -7.11 -23.56
C36 POV T . 26.41 -7.83 -22.52
C37 POV T . 27.09 -7.80 -21.10
C38 POV T . 26.08 -8.31 -20.02
C39 POV T . 25.63 -9.76 -20.38
C31 POV U . 21.74 -0.12 -16.63
C32 POV U . 21.73 -1.51 -17.32
C33 POV U . 20.73 -2.45 -16.61
C34 POV U . 20.06 -3.38 -17.64
C35 POV U . 19.79 -4.74 -17.00
C36 POV U . 18.53 -5.39 -17.66
C37 POV U . 18.00 -6.55 -16.75
C210 POV V . -12.98 8.55 8.10
C211 POV V . -13.22 8.95 9.58
C21 POV V . -12.06 18.66 6.45
O21 POV V . -13.23 18.35 7.19
C22 POV V . -11.48 17.60 5.47
O22 POV V . -11.53 19.72 6.59
C23 POV V . -12.18 16.25 5.64
C24 POV V . -11.28 15.12 5.13
C25 POV V . -12.10 13.85 4.90
C26 POV V . -12.52 13.24 6.23
C27 POV V . -12.02 11.77 6.30
C28 POV V . -12.64 11.01 7.52
C29 POV V . -12.72 9.49 7.18
C210 POV W . 13.91 -5.66 -9.05
C211 POV W . 14.06 -6.34 -10.43
C21 POV W . 18.77 2.33 -13.33
O21 POV W . 19.45 1.11 -13.57
C22 POV W . 17.89 2.48 -12.04
O22 POV W . 18.87 3.23 -14.11
C23 POV W . 17.74 1.12 -11.33
C24 POV W . 16.48 1.14 -10.46
C25 POV W . 16.53 0.01 -9.44
C26 POV W . 16.32 -1.34 -10.13
C27 POV W . 15.12 -2.07 -9.48
C28 POV W . 15.02 -3.55 -9.96
C29 POV W . 14.35 -4.41 -8.84
C1 POV X . -11.80 -4.47 28.09
C2 POV X . -10.40 -4.40 27.46
C3 POV X . -9.32 -4.22 28.54
C21 POV X . -10.62 -2.03 26.75
O21 POV X . -10.29 -3.38 26.47
C22 POV X . -10.82 -1.05 25.56
O22 POV X . -10.74 -1.61 27.86
C23 POV X . -9.93 0.20 25.75
C24 POV X . -8.84 0.21 24.69
C25 POV X . -9.47 0.50 23.33
C26 POV X . -8.41 0.43 22.23
C27 POV X . -7.08 1.06 22.72
C28 POV X . -6.17 1.44 21.50
C29 POV X . -7.04 1.69 20.22
C31 POV X . -6.96 -3.93 28.13
O31 POV X . -8.10 -4.82 28.08
C32 POV X . -6.84 -2.76 27.13
O32 POV X . -6.11 -4.10 28.94
C33 POV X . -5.37 -2.73 26.61
C34 POV X . -5.20 -1.60 25.60
C35 POV X . -5.63 -0.28 26.26
C31 POV Y . 10.54 -7.76 20.97
C32 POV Y . 11.33 -6.63 21.69
C33 POV Y . 10.39 -5.42 21.93
C34 POV Y . 11.03 -4.15 21.34
C35 POV Y . 9.93 -3.09 21.12
C36 POV Y . 9.91 -2.10 22.31
C32 POV Z . 7.13 -7.73 25.10
C33 POV Z . 6.03 -6.66 24.91
C34 POV Z . 6.66 -5.39 24.33
C35 POV Z . 5.60 -4.27 24.25
C36 POV Z . 5.59 -3.67 22.81
C37 POV Z . 4.27 -2.84 22.60
C38 POV Z . 4.48 -1.85 21.41
C39 POV Z . 3.11 -1.37 20.89
C310 POV AA . 12.74 0.04 19.14
C311 POV AA . 12.56 1.57 19.04
C312 POV AA . 11.49 1.91 17.98
C31 POV AA . 16.01 -8.71 23.81
C32 POV AA . 16.71 -8.06 22.60
C33 POV AA . 15.81 -6.92 22.05
C34 POV AA . 16.55 -5.59 22.15
C35 POV AA . 15.55 -4.42 22.08
C36 POV AA . 15.93 -3.51 20.88
C37 POV AA . 15.36 -2.06 21.10
C38 POV AA . 14.19 -1.78 20.12
C39 POV AA . 13.92 -0.26 20.07
C3 POV BA . 27.53 1.90 -1.15
C31 POV BA . 25.98 0.10 -1.51
O31 POV BA . 26.16 1.52 -1.38
C32 POV BA . 24.81 -0.61 -0.77
O32 POV BA . 26.74 -0.53 -2.16
C33 POV BA . 24.08 -1.55 -1.78
C34 POV BA . 23.97 -2.95 -1.16
C35 POV BA . 22.57 -3.14 -0.57
C36 POV BA . 22.66 -3.53 0.94
C37 POV BA . 21.36 -3.03 1.68
C38 POV BA . 20.64 -4.23 2.38
C310 POV CA . -22.73 16.75 17.14
C311 POV CA . -22.87 15.78 18.34
C312 POV CA . -23.17 14.36 17.83
C33 POV CA . -21.34 24.82 18.24
C34 POV CA . -21.33 23.37 17.73
C35 POV CA . -22.38 22.55 18.49
C36 POV CA . -22.18 21.02 18.19
C37 POV CA . -22.98 20.63 16.89
C38 POV CA . -22.60 19.18 16.46
C39 POV CA . -22.93 18.20 17.61
C31 POV DA . -15.25 20.42 9.98
C32 POV DA . -15.85 19.89 11.30
C33 POV DA . -15.64 18.35 11.40
C34 POV DA . -15.40 17.95 12.87
C35 POV DA . -16.01 16.56 13.13
C36 POV DA . -15.19 15.83 14.24
C37 POV DA . -15.52 14.30 14.21
C210 POV EA . 10.38 2.96 13.82
C211 POV EA . 11.80 2.46 14.20
C21 POV EA . 14.78 12.21 12.96
O21 POV EA . 15.12 11.58 14.18
C22 POV EA . 13.42 11.87 12.26
O22 POV EA . 15.53 13.00 12.45
C23 POV EA . 12.75 10.67 12.96
C24 POV EA . 11.77 10.00 11.99
C25 POV EA . 10.80 9.11 12.76
C26 POV EA . 11.51 7.87 13.28
C27 POV EA . 10.78 6.60 12.76
C28 POV EA . 11.31 5.31 13.47
C29 POV EA . 10.16 4.24 13.49
C1 POV FA . -28.82 -9.77 -4.71
C2 POV FA . -28.08 -8.94 -3.66
C3 POV FA . -29.07 -8.16 -2.76
C21 POV FA . -27.46 -7.12 -5.23
O21 POV FA . -27.11 -8.06 -4.22
C22 POV FA . -26.32 -6.44 -6.04
O22 POV FA . -28.60 -6.81 -5.46
C23 POV FA . -26.50 -4.91 -5.99
C24 POV FA . -25.34 -4.29 -5.21
C25 POV FA . -24.05 -4.44 -6.00
C26 POV FA . -22.85 -3.94 -5.20
C27 POV FA . -23.23 -2.65 -4.41
C28 POV FA . -21.95 -1.88 -3.99
C29 POV FA . -20.77 -2.16 -4.98
C31 POV FA . -28.47 -6.61 -1.03
O31 POV FA . -28.49 -7.98 -1.47
C32 POV FA . -27.50 -5.58 -1.67
O32 POV FA . -29.20 -6.26 -0.16
C33 POV FA . -26.85 -4.75 -0.53
C34 POV FA . -25.88 -3.74 -1.11
C35 POV FA . -26.62 -2.87 -2.14
C31 POV GA . -19.74 -0.08 14.89
C32 POV GA . -20.42 1.31 14.97
C33 POV GA . -20.78 1.80 13.54
C34 POV GA . -20.18 3.19 13.30
C35 POV GA . -20.09 3.44 11.78
C36 POV GA . -21.32 4.29 11.32
C32 POV HA . -24.13 -1.88 12.43
C33 POV HA . -24.06 -1.62 10.89
C34 POV HA . -23.48 -0.22 10.65
C35 POV HA . -23.52 0.09 9.15
C36 POV HA . -22.11 0.55 8.68
C37 POV HA . -22.05 0.50 7.11
C38 POV HA . -20.88 1.42 6.62
C39 POV HA . -20.49 1.02 5.18
C310 POV IA . -17.99 7.58 12.15
C311 POV IA . -17.95 8.74 11.14
C312 POV IA . -17.00 8.39 9.98
C31 POV IA . -22.07 2.27 20.18
C32 POV IA . -20.82 3.18 20.28
C33 POV IA . -20.39 3.60 18.85
C34 POV IA . -20.48 5.12 18.72
C35 POV IA . -20.52 5.52 17.24
C36 POV IA . -19.33 6.47 16.93
C37 POV IA . -19.65 7.35 15.67
C38 POV IA . -18.78 6.90 14.46
C39 POV IA . -18.81 8.01 13.37
C3 POV JA . 3.41 17.02 21.46
C31 POV JA . 3.69 14.65 21.19
O31 POV JA . 3.53 15.93 20.55
C32 POV JA . 2.88 13.42 20.69
O32 POV JA . 4.43 14.55 22.10
C33 POV JA . 3.85 12.21 20.53
C34 POV JA . 3.28 11.01 21.28
C35 POV JA . 2.57 10.08 20.28
C36 POV JA . 1.09 9.82 20.71
C37 POV JA . 0.23 9.53 19.43
C38 POV JA . -0.48 8.15 19.56
C310 POV KA . -19.55 1.42 -26.58
C311 POV KA . -20.73 0.57 -26.06
C312 POV KA . -20.19 -0.79 -25.55
C33 POV KA . -20.80 8.88 -29.88
C34 POV KA . -20.23 7.69 -29.11
C35 POV KA . -21.06 6.43 -29.44
C36 POV KA . -20.70 5.29 -28.44
C37 POV KA . -19.46 4.49 -29.00
C38 POV KA . -18.94 3.49 -27.91
C39 POV KA . -20.09 2.51 -27.52
C31 POV LA . -11.91 8.51 -23.13
C32 POV LA . -13.26 7.75 -23.20
C33 POV LA . -13.29 6.60 -22.16
C34 POV LA . -14.72 6.45 -21.61
C35 POV LA . -14.98 4.96 -21.30
C36 POV LA . -15.99 4.84 -20.13
C37 POV LA . -15.94 3.38 -19.54
#